data_2Q0F
#
_entry.id   2Q0F
#
_cell.length_a   80.620
_cell.length_b   41.924
_cell.length_c   106.017
_cell.angle_alpha   90.000
_cell.angle_beta   94.370
_cell.angle_gamma   90.000
#
_symmetry.space_group_name_H-M   'P 1 21 1'
#
loop_
_entity.id
_entity.type
_entity.pdbx_description
1 polymer 'RNA uridylyl transferase'
2 non-polymer 'MAGNESIUM ION'
3 non-polymer "URIDINE 5'-TRIPHOSPHATE"
4 non-polymer "URIDINE-5'-MONOPHOSPHATE"
5 water water
#
_entity_poly.entity_id   1
_entity_poly.type   'polypeptide(L)'
_entity_poly.pdbx_seq_one_letter_code
;MGSSHHHHHHSSGLVPRGSHMPPSPAVVGRSLVNSFKQFVSKDLHTRHVDATYRLVLDCVAAVDPLMRLYTFGSTVVYGV
HEKGSDVDFVVLNKTDVEDGKGGDAATQVAKGLQADILAKLARVIRQKHLSWNVEEVRRTRVPVVRVKGGGAVDFDITAY
RRNGVRNSALLRAYFEQNPPCRWLSMSIKRWSKQTGLNASVIGGSITSYGFNLMVVYYLLQRNHLQFVPPSTIDVSRVEP
LPPHLPLEEPADEGLELGTQVLDFLHFFLHEFDSDKQVISLNRPGITTKEELDWTKSAEDFARMNGEKVHYQWCIEDPYE
LNLNVGRNVTPLKRDFLRRHLEKARDTALLTIV
;
_entity_poly.pdbx_strand_id   A,B
#
# COMPACT_ATOMS: atom_id res chain seq x y z
N PRO A 23 4.26 -5.28 48.43
CA PRO A 23 5.33 -4.47 48.94
C PRO A 23 4.80 -3.11 49.42
N SER A 24 5.57 -2.05 49.20
CA SER A 24 5.25 -0.70 49.72
C SER A 24 5.97 0.34 48.85
N PRO A 25 5.51 1.62 48.89
CA PRO A 25 6.10 2.63 48.00
C PRO A 25 7.63 2.58 47.97
N ALA A 26 8.24 2.52 49.16
CA ALA A 26 9.71 2.51 49.30
C ALA A 26 10.37 1.31 48.62
N VAL A 27 10.02 0.11 49.07
CA VAL A 27 10.44 -1.15 48.44
C VAL A 27 10.31 -1.14 46.90
N VAL A 28 9.13 -0.74 46.40
CA VAL A 28 8.86 -0.64 44.97
C VAL A 28 9.82 0.35 44.29
N GLY A 29 9.95 1.53 44.90
CA GLY A 29 10.88 2.57 44.47
C GLY A 29 12.30 2.09 44.30
N ARG A 30 12.80 1.30 45.26
CA ARG A 30 14.18 0.79 45.18
C ARG A 30 14.40 -0.35 44.18
N SER A 31 13.45 -1.27 44.07
CA SER A 31 13.59 -2.36 43.09
C SER A 31 13.52 -1.84 41.67
N LEU A 32 12.86 -0.68 41.50
CA LEU A 32 12.70 0.00 40.22
C LEU A 32 13.92 0.81 39.82
N VAL A 33 14.40 1.70 40.70
CA VAL A 33 15.67 2.40 40.45
C VAL A 33 16.77 1.35 40.18
N ASN A 34 16.77 0.28 40.98
CA ASN A 34 17.66 -0.87 40.75
C ASN A 34 17.52 -1.51 39.37
N SER A 35 16.29 -1.66 38.89
CA SER A 35 16.05 -2.31 37.59
C SER A 35 16.45 -1.48 36.38
N PHE A 36 16.53 -0.16 36.57
CA PHE A 36 16.93 0.75 35.49
C PHE A 36 18.43 1.06 35.48
N LYS A 37 19.19 0.49 36.41
CA LYS A 37 20.55 0.99 36.73
C LYS A 37 21.61 0.91 35.59
N GLN A 38 21.42 0.01 34.63
CA GLN A 38 22.33 -0.04 33.49
C GLN A 38 21.77 0.68 32.28
N PHE A 39 20.54 1.19 32.42
CA PHE A 39 19.99 2.13 31.44
C PHE A 39 20.68 3.50 31.54
N VAL A 40 20.90 3.97 32.78
CA VAL A 40 21.53 5.29 33.06
C VAL A 40 22.93 5.41 32.44
N SER A 41 23.66 4.29 32.36
CA SER A 41 24.80 4.16 31.46
C SER A 41 24.25 4.17 30.03
N HIS A 48 22.81 10.49 20.26
CA HIS A 48 23.48 10.25 18.98
C HIS A 48 22.53 10.05 17.80
N VAL A 49 21.25 10.40 17.99
CA VAL A 49 20.23 10.25 16.95
C VAL A 49 20.48 11.11 15.71
N ASP A 50 21.23 12.21 15.86
CA ASP A 50 21.50 13.16 14.75
C ASP A 50 21.99 12.44 13.52
N ALA A 51 22.76 11.37 13.75
CA ALA A 51 23.45 10.60 12.74
C ALA A 51 22.47 9.83 11.88
N THR A 52 21.54 9.13 12.54
CA THR A 52 20.38 8.50 11.88
C THR A 52 19.51 9.54 11.14
N TYR A 53 19.10 10.59 11.86
CA TYR A 53 18.37 11.70 11.25
C TYR A 53 19.05 12.11 9.94
N ARG A 54 20.39 12.24 10.00
CA ARG A 54 21.16 12.65 8.84
C ARG A 54 21.11 11.57 7.80
N LEU A 55 21.54 10.37 8.17
CA LEU A 55 21.47 9.21 7.27
C LEU A 55 20.17 9.20 6.50
N VAL A 56 19.07 9.38 7.23
CA VAL A 56 17.73 9.30 6.64
C VAL A 56 17.39 10.50 5.72
N LEU A 57 17.81 11.70 6.13
CA LEU A 57 17.54 12.89 5.32
C LEU A 57 18.29 12.79 3.98
N ASP A 58 19.39 12.03 3.97
CA ASP A 58 20.07 11.70 2.72
C ASP A 58 19.04 11.16 1.74
N CYS A 59 18.33 10.10 2.13
CA CYS A 59 17.42 9.39 1.23
C CYS A 59 16.23 10.20 0.78
N VAL A 60 15.81 11.14 1.64
CA VAL A 60 14.69 12.06 1.37
C VAL A 60 15.13 13.16 0.39
N ALA A 61 16.33 13.70 0.62
CA ALA A 61 16.89 14.68 -0.31
C ALA A 61 16.89 14.10 -1.73
N ALA A 62 17.41 12.87 -1.87
CA ALA A 62 17.37 12.04 -3.09
C ALA A 62 16.01 11.91 -3.76
N VAL A 63 14.96 11.71 -2.96
CA VAL A 63 13.62 11.61 -3.50
C VAL A 63 13.16 13.00 -3.89
N ASP A 64 13.23 13.94 -2.95
CA ASP A 64 12.80 15.31 -3.18
C ASP A 64 13.58 16.19 -2.20
N PRO A 65 14.44 17.07 -2.73
CA PRO A 65 15.35 17.86 -1.88
C PRO A 65 14.66 18.96 -1.07
N LEU A 66 13.44 19.30 -1.46
CA LEU A 66 12.60 20.29 -0.75
C LEU A 66 11.73 19.68 0.38
N MET A 67 12.01 18.43 0.72
CA MET A 67 11.18 17.66 1.64
C MET A 67 11.81 17.56 3.04
N ARG A 68 11.03 17.96 4.05
CA ARG A 68 11.47 18.02 5.44
C ARG A 68 11.33 16.69 6.15
N LEU A 69 12.16 16.48 7.17
CA LEU A 69 12.09 15.28 8.01
C LEU A 69 11.86 15.72 9.45
N TYR A 70 10.87 15.11 10.10
CA TYR A 70 10.57 15.43 11.48
C TYR A 70 10.69 14.20 12.36
N THR A 71 11.24 14.37 13.54
CA THR A 71 11.30 13.27 14.51
C THR A 71 10.10 13.36 15.44
N PHE A 72 9.61 12.19 15.88
CA PHE A 72 8.48 12.09 16.80
C PHE A 72 8.56 10.81 17.63
N GLY A 73 7.54 10.52 18.44
CA GLY A 73 7.60 9.32 19.27
C GLY A 73 8.50 9.48 20.49
N SER A 74 8.88 8.37 21.12
CA SER A 74 9.49 8.41 22.45
C SER A 74 10.76 9.25 22.58
N THR A 75 11.60 9.23 21.54
CA THR A 75 12.80 10.09 21.44
C THR A 75 12.41 11.51 21.78
N VAL A 76 11.33 11.97 21.17
CA VAL A 76 10.88 13.35 21.30
C VAL A 76 10.11 13.57 22.62
N VAL A 77 9.29 12.59 23.00
CA VAL A 77 8.53 12.66 24.23
C VAL A 77 9.49 12.76 25.41
N TYR A 78 10.39 11.78 25.53
CA TYR A 78 11.28 11.69 26.67
C TYR A 78 12.48 12.64 26.58
N GLY A 79 12.82 13.07 25.37
CA GLY A 79 14.02 13.83 25.16
C GLY A 79 15.24 12.94 25.35
N VAL A 80 15.04 11.62 25.34
CA VAL A 80 16.14 10.63 25.48
C VAL A 80 15.91 9.42 24.56
N HIS A 81 16.98 8.74 24.18
CA HIS A 81 16.86 7.57 23.31
C HIS A 81 17.23 6.27 24.00
N GLU A 82 16.25 5.37 24.12
CA GLU A 82 16.38 4.13 24.89
C GLU A 82 16.90 3.00 24.01
N LYS A 83 17.52 2.00 24.64
CA LYS A 83 17.80 0.71 24.00
C LYS A 83 16.51 -0.17 23.99
N GLY A 84 16.16 -0.71 22.81
CA GLY A 84 14.89 -1.43 22.64
C GLY A 84 13.81 -0.55 22.03
N SER A 85 14.20 0.71 21.77
CA SER A 85 13.31 1.65 21.13
C SER A 85 13.92 2.03 19.79
N ASP A 86 13.03 2.16 18.80
CA ASP A 86 13.32 2.60 17.46
C ASP A 86 13.32 4.14 17.40
N VAL A 87 13.34 4.72 16.19
CA VAL A 87 13.09 6.16 15.99
C VAL A 87 11.94 6.36 14.99
N ASP A 88 11.06 7.30 15.29
CA ASP A 88 9.90 7.57 14.45
C ASP A 88 10.19 8.89 13.70
N PHE A 89 10.07 8.84 12.37
CA PHE A 89 10.23 9.98 11.48
C PHE A 89 8.98 10.15 10.61
N VAL A 90 8.71 11.39 10.22
CA VAL A 90 7.68 11.72 9.20
C VAL A 90 8.25 12.76 8.23
N VAL A 91 7.95 12.56 6.96
CA VAL A 91 8.40 13.37 5.86
C VAL A 91 7.25 14.36 5.58
N LEU A 92 7.53 15.66 5.65
CA LEU A 92 6.50 16.67 5.47
C LEU A 92 6.94 17.70 4.44
N ASN A 93 6.01 18.32 3.74
CA ASN A 93 6.38 19.43 2.86
C ASN A 93 6.33 20.75 3.62
N LYS A 94 6.90 21.79 3.01
CA LYS A 94 6.88 23.15 3.56
C LYS A 94 5.49 23.60 3.97
N THR A 95 4.47 23.31 3.15
CA THR A 95 3.11 23.78 3.42
C THR A 95 2.35 22.95 4.43
N ASP A 96 2.80 21.72 4.64
CA ASP A 96 2.26 20.84 5.67
C ASP A 96 2.72 21.38 7.01
N VAL A 97 3.96 21.86 7.03
CA VAL A 97 4.57 22.39 8.25
C VAL A 97 3.98 23.77 8.60
N GLU A 98 3.84 24.64 7.61
CA GLU A 98 3.23 25.96 7.79
C GLU A 98 1.74 25.87 8.14
N ASP A 99 1.07 24.82 7.67
CA ASP A 99 -0.31 24.59 8.14
C ASP A 99 -0.20 23.82 9.47
N GLY A 100 0.45 24.46 10.43
CA GLY A 100 0.95 23.80 11.60
C GLY A 100 -0.09 23.25 12.53
N LYS A 101 -1.36 23.44 12.21
CA LYS A 101 -2.46 23.04 13.09
C LYS A 101 -3.56 22.32 12.31
N GLY A 102 -3.32 22.05 11.03
CA GLY A 102 -4.23 21.23 10.26
C GLY A 102 -4.33 19.80 10.75
N GLY A 103 -5.50 19.19 10.55
CA GLY A 103 -5.68 17.75 10.81
C GLY A 103 -5.05 16.88 9.74
N ASP A 104 -5.07 15.58 9.95
CA ASP A 104 -4.59 14.65 8.93
C ASP A 104 -5.79 13.94 8.31
N ALA A 105 -5.95 14.08 7.00
CA ALA A 105 -7.03 13.42 6.30
C ALA A 105 -7.00 11.91 6.49
N ALA A 106 -8.17 11.32 6.74
CA ALA A 106 -8.31 9.84 6.84
C ALA A 106 -9.04 9.30 5.62
N THR A 107 -8.80 9.96 4.48
CA THR A 107 -9.41 9.58 3.24
C THR A 107 -8.51 8.56 2.58
N GLN A 108 -9.05 7.92 1.55
CA GLN A 108 -8.35 6.93 0.76
C GLN A 108 -7.30 7.59 -0.12
N VAL A 109 -7.54 8.83 -0.51
CA VAL A 109 -6.60 9.56 -1.37
C VAL A 109 -5.34 9.95 -0.59
N ALA A 110 -5.56 10.42 0.65
CA ALA A 110 -4.47 10.71 1.58
C ALA A 110 -3.57 9.50 1.72
N LYS A 111 -4.15 8.35 2.02
CA LYS A 111 -3.42 7.11 2.13
C LYS A 111 -2.72 6.74 0.82
N GLY A 112 -3.36 7.00 -0.32
CA GLY A 112 -2.71 6.81 -1.64
C GLY A 112 -1.46 7.65 -1.82
N LEU A 113 -1.58 8.94 -1.48
CA LEU A 113 -0.51 9.91 -1.59
C LEU A 113 0.68 9.52 -0.74
N GLN A 114 0.39 9.21 0.52
CA GLN A 114 1.42 8.86 1.48
C GLN A 114 2.19 7.58 1.10
N ALA A 115 1.50 6.62 0.50
CA ALA A 115 2.09 5.34 0.08
C ALA A 115 2.93 5.50 -1.17
N ASP A 116 2.52 6.43 -2.03
CA ASP A 116 3.24 6.71 -3.25
C ASP A 116 4.62 7.28 -2.94
N ILE A 117 4.69 8.27 -2.04
CA ILE A 117 5.99 8.89 -1.67
C ILE A 117 6.91 8.04 -0.77
N LEU A 118 6.33 7.09 -0.01
CA LEU A 118 7.07 6.13 0.81
C LEU A 118 7.54 4.89 0.05
N ALA A 119 6.92 4.59 -1.09
CA ALA A 119 7.47 3.56 -1.98
C ALA A 119 8.80 4.01 -2.63
N LYS A 120 8.85 5.28 -3.07
CA LYS A 120 10.04 5.85 -3.68
C LYS A 120 11.18 5.93 -2.67
N LEU A 121 10.89 6.44 -1.48
CA LEU A 121 11.88 6.58 -0.45
C LEU A 121 12.42 5.21 -0.03
N ALA A 122 11.56 4.19 0.01
CA ALA A 122 11.94 2.80 0.31
C ALA A 122 12.92 2.25 -0.74
N ARG A 123 12.51 2.32 -2.01
CA ARG A 123 13.36 2.11 -3.18
C ARG A 123 14.71 2.80 -2.98
N VAL A 124 14.70 4.08 -2.60
CA VAL A 124 15.96 4.81 -2.37
C VAL A 124 16.80 4.30 -1.19
N ILE A 125 16.17 4.04 -0.05
CA ILE A 125 16.86 3.49 1.12
C ILE A 125 17.53 2.14 0.80
N ARG A 126 16.77 1.17 0.30
CA ARG A 126 17.31 -0.10 -0.24
C ARG A 126 18.50 0.11 -1.19
N GLN A 127 18.31 0.98 -2.19
CA GLN A 127 19.36 1.36 -3.18
C GLN A 127 20.56 2.11 -2.58
N LYS A 128 20.47 2.57 -1.33
CA LYS A 128 21.64 3.20 -0.72
C LYS A 128 22.20 2.35 0.40
N HIS A 129 21.40 1.38 0.86
CA HIS A 129 21.78 0.52 1.99
C HIS A 129 21.32 -0.92 1.81
N LEU A 130 22.08 -1.69 1.04
CA LEU A 130 21.81 -3.14 0.81
C LEU A 130 21.61 -4.02 2.06
N SER A 131 22.39 -3.84 3.12
CA SER A 131 22.24 -4.65 4.36
C SER A 131 20.93 -4.46 5.13
N TRP A 132 20.22 -3.38 4.84
CA TRP A 132 19.04 -2.96 5.58
C TRP A 132 17.80 -3.72 5.11
N ASN A 133 16.89 -4.04 6.04
CA ASN A 133 15.58 -4.52 5.62
C ASN A 133 14.63 -3.35 5.57
N VAL A 134 14.10 -3.06 4.40
CA VAL A 134 13.16 -1.98 4.22
C VAL A 134 11.80 -2.60 3.90
N GLU A 135 10.93 -2.65 4.88
CA GLU A 135 9.61 -3.27 4.68
C GLU A 135 8.51 -2.24 4.56
N GLU A 136 7.80 -2.29 3.44
CA GLU A 136 6.68 -1.37 3.24
C GLU A 136 5.44 -1.97 3.86
N VAL A 137 5.05 -1.42 5.01
CA VAL A 137 3.94 -1.95 5.84
C VAL A 137 2.56 -1.44 5.38
N ARG A 138 1.62 -2.36 5.13
CA ARG A 138 0.33 -1.99 4.56
C ARG A 138 -0.88 -2.58 5.32
N ARG A 139 -0.60 -3.31 6.40
CA ARG A 139 -1.66 -3.72 7.34
C ARG A 139 -2.50 -2.51 7.85
N THR A 140 -1.81 -1.38 7.98
CA THR A 140 -2.20 -0.31 8.90
C THR A 140 -3.15 0.76 8.35
N ARG A 141 -3.75 1.50 9.28
CA ARG A 141 -4.49 2.73 9.00
C ARG A 141 -3.57 3.77 8.38
N VAL A 142 -2.39 3.93 9.00
CA VAL A 142 -1.32 4.87 8.61
C VAL A 142 -0.18 4.14 7.85
N PRO A 143 -0.03 4.37 6.52
CA PRO A 143 1.10 3.75 5.79
C PRO A 143 2.49 4.09 6.35
N VAL A 144 3.30 3.05 6.57
CA VAL A 144 4.58 3.16 7.24
C VAL A 144 5.62 2.29 6.54
N VAL A 145 6.87 2.76 6.50
CA VAL A 145 7.97 1.95 5.99
C VAL A 145 8.80 1.56 7.20
N ARG A 146 9.04 0.27 7.41
CA ARG A 146 9.81 -0.18 8.55
C ARG A 146 11.23 -0.61 8.18
N VAL A 147 12.21 -0.02 8.86
CA VAL A 147 13.60 -0.23 8.50
C VAL A 147 14.36 -0.81 9.68
N LYS A 148 14.98 -1.96 9.43
CA LYS A 148 15.94 -2.59 10.35
C LYS A 148 17.28 -2.57 9.64
N GLY A 149 18.30 -2.01 10.28
CA GLY A 149 19.68 -2.07 9.75
C GLY A 149 20.51 -3.25 10.26
N GLY A 150 20.06 -3.83 11.38
CA GLY A 150 20.80 -4.88 12.07
C GLY A 150 21.52 -4.31 13.28
N GLY A 151 22.16 -3.15 13.11
CA GLY A 151 22.96 -2.56 14.20
C GLY A 151 22.10 -2.01 15.32
N ALA A 152 21.05 -2.76 15.66
CA ALA A 152 19.90 -2.22 16.39
C ALA A 152 19.59 -0.79 15.93
N VAL A 153 19.88 -0.50 14.66
CA VAL A 153 19.47 0.75 14.04
C VAL A 153 18.08 0.48 13.42
N ASP A 154 17.05 1.06 14.04
CA ASP A 154 15.64 0.82 13.70
C ASP A 154 14.91 2.14 13.56
N PHE A 155 13.92 2.17 12.67
CA PHE A 155 13.06 3.34 12.50
C PHE A 155 11.87 3.16 11.56
N ASP A 156 10.84 3.97 11.82
CA ASP A 156 9.63 4.01 11.01
C ASP A 156 9.49 5.34 10.28
N ILE A 157 9.29 5.27 8.96
CA ILE A 157 8.96 6.46 8.19
C ILE A 157 7.47 6.50 7.85
N THR A 158 6.86 7.65 8.08
CA THR A 158 5.51 7.91 7.60
C THR A 158 5.58 9.17 6.76
N ALA A 159 4.56 9.45 5.98
CA ALA A 159 4.59 10.65 5.17
C ALA A 159 3.35 11.50 5.40
N TYR A 160 3.54 12.81 5.35
CA TYR A 160 2.49 13.84 5.21
C TYR A 160 1.51 14.03 6.37
N ARG A 161 1.84 13.46 7.54
CA ARG A 161 0.99 13.53 8.73
C ARG A 161 1.60 14.44 9.78
N ARG A 162 0.74 15.24 10.45
CA ARG A 162 1.19 16.18 11.48
C ARG A 162 0.91 15.66 12.87
N ASN A 163 -0.15 14.82 13.00
CA ASN A 163 -0.61 14.37 14.32
C ASN A 163 0.45 13.63 15.10
N GLY A 164 1.29 12.89 14.37
CA GLY A 164 2.45 12.24 14.96
C GLY A 164 3.37 13.20 15.68
N VAL A 165 3.73 14.31 15.06
CA VAL A 165 4.64 15.23 15.74
C VAL A 165 3.84 16.08 16.79
N ARG A 166 2.59 16.36 16.48
CA ARG A 166 1.76 17.17 17.35
C ARG A 166 1.53 16.50 18.68
N ASN A 167 1.19 15.21 18.69
CA ASN A 167 0.97 14.52 19.99
C ASN A 167 2.27 14.24 20.74
N SER A 168 3.37 14.12 20.03
CA SER A 168 4.64 13.88 20.74
C SER A 168 5.09 15.15 21.42
N ALA A 169 4.85 16.28 20.77
CA ALA A 169 5.24 17.57 21.31
C ALA A 169 4.31 17.87 22.46
N LEU A 170 3.02 17.56 22.28
CA LEU A 170 2.03 17.66 23.35
C LEU A 170 2.45 16.84 24.57
N LEU A 171 2.93 15.60 24.36
CA LEU A 171 3.35 14.75 25.50
C LEU A 171 4.67 15.25 26.02
N ARG A 172 5.54 15.71 25.11
CA ARG A 172 6.83 16.33 25.50
C ARG A 172 6.58 17.54 26.39
N ALA A 173 5.82 18.49 25.88
CA ALA A 173 5.37 19.64 26.64
C ALA A 173 4.99 19.35 28.09
N TYR A 174 4.24 18.28 28.31
CA TYR A 174 3.81 17.85 29.64
C TYR A 174 4.96 17.30 30.41
N PHE A 175 5.81 16.50 29.76
CA PHE A 175 6.90 15.86 30.49
C PHE A 175 7.95 16.85 30.95
N GLU A 176 8.21 17.89 30.16
CA GLU A 176 8.97 19.11 30.58
C GLU A 176 8.42 19.85 31.82
N GLN A 177 7.10 19.88 31.98
CA GLN A 177 6.48 20.41 33.21
C GLN A 177 7.12 19.75 34.42
N ASN A 178 7.13 18.42 34.46
CA ASN A 178 7.51 17.67 35.64
C ASN A 178 8.42 16.55 35.13
N PRO A 179 9.71 16.87 34.87
CA PRO A 179 10.54 15.90 34.15
C PRO A 179 10.74 14.51 34.78
N PRO A 180 10.78 14.37 36.13
CA PRO A 180 10.95 13.03 36.72
C PRO A 180 9.77 12.04 36.46
N CYS A 181 8.69 12.53 35.86
CA CYS A 181 7.57 11.68 35.54
C CYS A 181 7.87 10.75 34.36
N ARG A 182 8.88 11.11 33.56
CA ARG A 182 9.41 10.21 32.53
C ARG A 182 9.71 8.79 33.09
N TRP A 183 10.27 8.73 34.30
CA TRP A 183 10.46 7.46 35.02
C TRP A 183 9.18 6.66 35.25
N LEU A 184 8.07 7.33 35.60
CA LEU A 184 6.82 6.63 35.78
C LEU A 184 6.42 6.03 34.45
N SER A 185 6.70 6.80 33.40
CA SER A 185 6.29 6.47 32.05
C SER A 185 7.08 5.24 31.60
N MET A 186 8.41 5.37 31.61
CA MET A 186 9.33 4.34 31.15
C MET A 186 9.07 3.05 31.92
N SER A 187 8.76 3.20 33.20
CA SER A 187 8.45 2.07 34.05
C SER A 187 7.17 1.37 33.57
N ILE A 188 6.18 2.17 33.13
CA ILE A 188 4.91 1.60 32.68
C ILE A 188 5.06 0.96 31.32
N LYS A 189 5.79 1.60 30.43
CA LYS A 189 6.02 1.08 29.10
C LYS A 189 6.71 -0.26 29.14
N ARG A 190 7.78 -0.35 29.89
CA ARG A 190 8.60 -1.56 29.87
C ARG A 190 7.79 -2.72 30.44
N TRP A 191 7.08 -2.47 31.52
CA TRP A 191 6.22 -3.47 32.12
C TRP A 191 5.15 -3.99 31.17
N SER A 192 4.65 -3.11 30.30
CA SER A 192 3.56 -3.40 29.38
C SER A 192 4.01 -4.32 28.23
N LYS A 193 5.26 -4.18 27.80
CA LYS A 193 5.86 -5.13 26.86
C LYS A 193 6.09 -6.45 27.57
N GLN A 194 6.61 -6.37 28.79
CA GLN A 194 6.92 -7.54 29.59
C GLN A 194 5.66 -8.36 29.91
N THR A 195 4.54 -7.69 30.23
CA THR A 195 3.27 -8.34 30.57
C THR A 195 2.57 -8.99 29.36
N GLY A 196 2.93 -8.54 28.16
CA GLY A 196 2.17 -8.84 26.96
C GLY A 196 0.94 -7.97 26.74
N LEU A 197 0.90 -6.78 27.35
CA LEU A 197 -0.19 -5.80 27.17
C LEU A 197 0.06 -4.88 26.00
N ASN A 198 1.33 -4.53 25.77
CA ASN A 198 1.71 -3.61 24.69
C ASN A 198 1.37 -4.17 23.33
N ALA A 199 0.81 -3.31 22.46
CA ALA A 199 0.50 -3.65 21.07
C ALA A 199 1.68 -4.22 20.29
N SER A 200 2.88 -4.13 20.84
CA SER A 200 4.10 -4.68 20.18
C SER A 200 4.21 -6.20 20.30
N VAL A 201 3.47 -6.78 21.24
CA VAL A 201 3.56 -8.19 21.60
C VAL A 201 2.30 -8.89 21.10
N ILE A 202 2.40 -10.19 20.77
CA ILE A 202 1.22 -10.93 20.29
C ILE A 202 0.20 -11.01 21.43
N GLY A 203 -1.04 -10.71 21.12
CA GLY A 203 -2.04 -10.62 22.17
C GLY A 203 -2.13 -9.25 22.83
N GLY A 204 -1.22 -8.34 22.47
CA GLY A 204 -1.22 -6.99 23.07
C GLY A 204 -2.35 -6.14 22.54
N SER A 205 -2.84 -5.17 23.35
CA SER A 205 -3.90 -4.27 22.92
C SER A 205 -3.48 -2.82 22.79
N ILE A 206 -2.85 -2.26 23.83
CA ILE A 206 -2.52 -0.83 23.82
C ILE A 206 -1.06 -0.46 23.35
N THR A 207 -0.95 0.40 22.33
CA THR A 207 0.38 0.88 21.90
C THR A 207 1.07 1.52 23.09
N SER A 208 2.41 1.66 23.00
CA SER A 208 3.17 2.50 23.93
C SER A 208 2.60 3.91 24.04
N TYR A 209 2.16 4.47 22.91
CA TYR A 209 1.52 5.77 22.87
C TYR A 209 0.27 5.79 23.76
N GLY A 210 -0.57 4.78 23.64
CA GLY A 210 -1.76 4.67 24.46
C GLY A 210 -1.50 4.69 25.96
N PHE A 211 -0.45 3.99 26.36
CA PHE A 211 0.04 4.02 27.75
C PHE A 211 0.53 5.35 28.26
N ASN A 212 1.27 6.11 27.44
CA ASN A 212 1.65 7.51 27.74
C ASN A 212 0.45 8.37 27.96
N LEU A 213 -0.59 8.15 27.15
CA LEU A 213 -1.84 8.85 27.30
C LEU A 213 -2.52 8.61 28.66
N MET A 214 -2.41 7.39 29.17
CA MET A 214 -2.82 7.05 30.56
C MET A 214 -1.94 7.65 31.61
N VAL A 215 -0.62 7.51 31.47
CA VAL A 215 0.28 8.10 32.48
C VAL A 215 -0.06 9.58 32.70
N VAL A 216 0.01 10.37 31.62
CA VAL A 216 -0.41 11.76 31.63
C VAL A 216 -1.85 11.96 32.18
N TYR A 217 -2.88 11.38 31.57
CA TYR A 217 -4.26 11.50 32.14
C TYR A 217 -4.27 11.29 33.66
N TYR A 218 -3.60 10.23 34.14
CA TYR A 218 -3.51 9.97 35.56
C TYR A 218 -2.86 11.13 36.30
N LEU A 219 -1.66 11.52 35.88
CA LEU A 219 -0.94 12.62 36.54
C LEU A 219 -1.76 13.90 36.54
N LEU A 220 -2.42 14.22 35.45
CA LEU A 220 -3.43 15.32 35.42
C LEU A 220 -4.47 15.19 36.54
N GLN A 221 -5.28 14.15 36.48
CA GLN A 221 -6.25 13.92 37.56
C GLN A 221 -5.66 14.19 38.95
N ARG A 222 -4.41 13.77 39.18
CA ARG A 222 -3.74 13.94 40.47
C ARG A 222 -2.99 15.26 40.70
N ASN A 223 -3.02 16.16 39.73
CA ASN A 223 -2.40 17.47 39.88
C ASN A 223 -0.87 17.51 39.84
N HIS A 224 -0.23 16.56 39.18
CA HIS A 224 1.23 16.64 39.03
C HIS A 224 1.58 17.36 37.73
N LEU A 225 0.56 17.71 36.97
CA LEU A 225 0.72 18.36 35.68
C LEU A 225 -0.36 19.39 35.53
N GLN A 226 -0.06 20.44 34.77
CA GLN A 226 -1.01 21.50 34.44
C GLN A 226 -1.53 21.23 33.05
N PHE A 227 -2.85 21.35 32.89
CA PHE A 227 -3.50 21.16 31.60
C PHE A 227 -2.99 22.10 30.51
N VAL A 228 -2.87 21.54 29.31
CA VAL A 228 -2.33 22.20 28.12
C VAL A 228 -3.26 21.83 27.01
N PRO A 229 -4.03 22.81 26.50
CA PRO A 229 -5.00 22.45 25.48
C PRO A 229 -4.24 22.00 24.24
N PRO A 230 -4.53 20.78 23.72
CA PRO A 230 -3.88 20.14 22.58
C PRO A 230 -3.76 21.06 21.37
N SER A 231 -4.72 21.97 21.25
CA SER A 231 -4.79 22.82 20.08
C SER A 231 -3.77 23.95 20.12
N THR A 232 -3.01 24.07 21.23
CA THR A 232 -1.93 25.06 21.31
C THR A 232 -0.60 24.53 20.75
N ILE A 233 -0.55 23.22 20.49
CA ILE A 233 0.63 22.61 19.87
C ILE A 233 0.59 22.89 18.36
N ASP A 234 1.60 23.63 17.91
CA ASP A 234 1.61 24.24 16.59
C ASP A 234 2.82 23.67 15.89
N VAL A 235 2.62 22.76 14.93
CA VAL A 235 3.72 22.12 14.19
C VAL A 235 4.68 23.13 13.56
N SER A 236 4.17 24.23 13.02
CA SER A 236 5.05 25.28 12.49
C SER A 236 6.02 25.90 13.54
N ARG A 237 6.06 25.35 14.75
CA ARG A 237 6.94 25.85 15.78
C ARG A 237 7.70 24.77 16.51
N VAL A 238 7.39 23.51 16.22
CA VAL A 238 8.13 22.40 16.80
C VAL A 238 9.48 22.33 16.08
N GLU A 239 10.44 21.70 16.74
CA GLU A 239 11.77 21.49 16.21
C GLU A 239 11.79 20.15 15.45
N PRO A 240 12.35 20.12 14.21
CA PRO A 240 12.33 18.83 13.50
C PRO A 240 13.06 17.73 14.28
N LEU A 241 14.19 18.12 14.88
CA LEU A 241 14.96 17.28 15.78
C LEU A 241 15.17 18.08 17.06
N PRO A 242 14.26 17.92 18.05
CA PRO A 242 14.30 18.66 19.30
C PRO A 242 15.50 18.32 20.17
N PRO A 243 15.89 19.23 21.08
CA PRO A 243 17.04 19.03 21.95
C PRO A 243 16.81 17.99 23.02
N HIS A 244 17.88 17.26 23.34
CA HIS A 244 17.96 16.33 24.46
C HIS A 244 17.44 16.98 25.74
N LEU A 245 16.88 16.17 26.64
CA LEU A 245 16.39 16.64 27.94
C LEU A 245 16.96 15.73 29.00
N PRO A 246 18.09 16.15 29.63
CA PRO A 246 18.76 15.33 30.65
C PRO A 246 17.79 14.51 31.52
N LEU A 247 17.93 13.19 31.52
CA LEU A 247 17.19 12.37 32.47
C LEU A 247 18.08 12.12 33.67
N GLU A 248 17.62 12.51 34.85
CA GLU A 248 18.40 12.30 36.06
C GLU A 248 17.72 11.30 37.00
N GLU A 249 18.55 10.50 37.68
CA GLU A 249 18.11 9.47 38.63
C GLU A 249 17.14 10.01 39.69
N PRO A 250 16.19 9.18 40.16
CA PRO A 250 15.38 9.62 41.30
C PRO A 250 16.29 9.83 42.50
N ALA A 251 16.37 11.06 43.02
CA ALA A 251 17.35 11.43 44.08
C ALA A 251 16.85 11.22 45.52
N ASP A 252 15.86 10.35 45.66
CA ASP A 252 15.22 9.97 46.92
C ASP A 252 15.17 8.43 47.00
N GLU A 253 16.10 7.79 46.27
CA GLU A 253 16.18 6.34 46.06
C GLU A 253 14.82 5.67 45.75
N GLY A 254 13.97 6.42 45.02
CA GLY A 254 12.78 5.85 44.41
C GLY A 254 11.43 6.11 45.07
N LEU A 255 11.43 6.71 46.25
CA LEU A 255 10.17 6.86 46.98
C LEU A 255 9.06 7.54 46.20
N GLU A 256 9.41 8.52 45.36
CA GLU A 256 8.42 9.26 44.57
C GLU A 256 7.94 8.45 43.39
N LEU A 257 8.87 7.80 42.69
CA LEU A 257 8.54 6.86 41.63
C LEU A 257 7.65 5.73 42.16
N GLY A 258 8.02 5.19 43.32
CA GLY A 258 7.37 4.01 43.90
C GLY A 258 5.96 4.33 44.32
N THR A 259 5.77 5.48 44.96
CA THR A 259 4.46 5.86 45.46
C THR A 259 3.49 6.29 44.34
N GLN A 260 4.06 6.66 43.19
CA GLN A 260 3.30 7.05 42.00
C GLN A 260 2.75 5.82 41.26
N VAL A 261 3.61 4.84 41.02
CA VAL A 261 3.20 3.51 40.55
C VAL A 261 2.09 2.94 41.45
N LEU A 262 2.38 2.60 42.68
CA LEU A 262 1.32 2.08 43.53
C LEU A 262 0.00 2.85 43.35
N ASP A 263 0.11 4.17 43.19
CA ASP A 263 -1.03 5.07 42.99
C ASP A 263 -1.61 5.02 41.55
N PHE A 264 -0.75 5.02 40.54
CA PHE A 264 -1.18 4.86 39.13
C PHE A 264 -2.06 3.61 38.95
N LEU A 265 -1.58 2.48 39.45
CA LEU A 265 -2.30 1.21 39.46
C LEU A 265 -3.58 1.28 40.31
N HIS A 266 -3.52 1.86 41.49
CA HIS A 266 -4.76 2.11 42.22
C HIS A 266 -5.73 2.96 41.40
N PHE A 267 -5.22 3.97 40.68
CA PHE A 267 -6.12 4.86 39.92
C PHE A 267 -6.88 4.12 38.84
N PHE A 268 -6.19 3.22 38.14
CA PHE A 268 -6.82 2.50 37.04
C PHE A 268 -7.68 1.30 37.45
N LEU A 269 -7.51 0.82 38.69
CA LEU A 269 -8.25 -0.33 39.15
C LEU A 269 -9.46 0.14 39.92
N HIS A 270 -9.27 1.09 40.82
CA HIS A 270 -10.32 1.51 41.74
C HIS A 270 -10.88 2.94 41.56
N GLU A 271 -10.22 3.82 40.79
CA GLU A 271 -10.79 5.15 40.59
C GLU A 271 -11.34 5.43 39.19
N PHE A 272 -10.58 5.04 38.16
CA PHE A 272 -11.07 5.20 36.80
C PHE A 272 -12.16 4.16 36.50
N ASP A 273 -13.29 4.62 35.98
CA ASP A 273 -14.47 3.79 35.76
C ASP A 273 -14.61 3.46 34.29
N SER A 274 -14.05 2.32 33.89
CA SER A 274 -13.93 2.00 32.46
C SER A 274 -15.26 1.84 31.76
N ASP A 275 -16.33 1.75 32.52
CA ASP A 275 -17.66 1.56 31.92
C ASP A 275 -18.38 2.86 31.64
N LYS A 276 -17.91 3.96 32.22
CA LYS A 276 -18.58 5.24 32.05
C LYS A 276 -17.65 6.35 31.65
N GLN A 277 -16.34 6.09 31.75
CA GLN A 277 -15.31 7.07 31.48
C GLN A 277 -14.36 6.78 30.31
N VAL A 278 -13.71 7.85 29.85
CA VAL A 278 -12.76 7.87 28.72
C VAL A 278 -11.52 8.61 29.22
N ILE A 279 -10.40 7.93 29.20
CA ILE A 279 -9.08 8.56 29.29
C ILE A 279 -8.93 9.58 28.15
N SER A 280 -8.79 10.86 28.48
CA SER A 280 -8.75 11.93 27.48
C SER A 280 -7.87 13.10 27.92
N LEU A 281 -7.07 13.64 26.99
CA LEU A 281 -6.31 14.89 27.25
C LEU A 281 -6.91 16.08 26.50
N ASN A 282 -8.16 15.94 26.09
CA ASN A 282 -8.85 16.93 25.28
C ASN A 282 -9.50 18.02 26.13
N ARG A 283 -9.90 17.63 27.35
CA ARG A 283 -10.51 18.49 28.39
C ARG A 283 -9.84 18.12 29.73
N PRO A 284 -9.74 19.10 30.66
CA PRO A 284 -9.39 18.77 32.05
C PRO A 284 -10.62 18.21 32.76
N GLY A 285 -10.45 17.28 33.68
CA GLY A 285 -11.63 16.73 34.34
C GLY A 285 -12.12 15.51 33.60
N ILE A 286 -13.38 15.18 33.81
CA ILE A 286 -13.94 13.90 33.31
C ILE A 286 -14.52 14.00 31.92
N THR A 287 -14.26 13.00 31.08
CA THR A 287 -14.98 12.85 29.81
C THR A 287 -15.70 11.50 29.88
N THR A 288 -17.01 11.51 29.63
CA THR A 288 -17.83 10.30 29.65
C THR A 288 -17.89 9.66 28.28
N LYS A 289 -18.22 8.38 28.23
CA LYS A 289 -18.51 7.72 26.96
C LYS A 289 -19.81 8.27 26.36
N GLU A 290 -20.78 8.59 27.21
CA GLU A 290 -22.08 9.09 26.73
C GLU A 290 -21.90 10.28 25.83
N GLU A 291 -21.24 11.34 26.33
CA GLU A 291 -20.99 12.53 25.49
C GLU A 291 -20.25 12.30 24.17
N LEU A 292 -19.54 11.19 24.02
CA LEU A 292 -18.81 10.91 22.77
C LEU A 292 -19.59 9.95 21.88
N ASP A 293 -20.64 9.34 22.45
CA ASP A 293 -21.36 8.25 21.82
C ASP A 293 -20.40 7.10 21.51
N TRP A 294 -19.65 6.71 22.54
CA TRP A 294 -18.76 5.57 22.55
C TRP A 294 -19.44 4.48 23.39
N THR A 295 -20.52 3.97 22.84
CA THR A 295 -21.45 3.12 23.58
C THR A 295 -21.60 1.79 22.85
N LYS A 296 -22.26 0.80 23.47
CA LYS A 296 -22.67 -0.45 22.81
C LYS A 296 -23.22 -0.24 21.39
N SER A 297 -24.31 0.52 21.29
CA SER A 297 -24.86 0.93 20.01
C SER A 297 -23.75 1.34 19.03
N ALA A 298 -22.90 2.27 19.44
CA ALA A 298 -21.78 2.70 18.62
C ALA A 298 -20.95 1.53 18.08
N GLU A 299 -20.48 0.65 18.96
CA GLU A 299 -19.78 -0.61 18.57
C GLU A 299 -20.41 -1.36 17.37
N ASP A 300 -21.73 -1.55 17.38
CA ASP A 300 -22.43 -2.21 16.25
C ASP A 300 -22.22 -1.44 14.94
N PHE A 301 -22.32 -0.13 14.99
CA PHE A 301 -22.13 0.69 13.78
C PHE A 301 -20.65 0.90 13.48
N ALA A 302 -19.86 0.96 14.54
CA ALA A 302 -18.45 1.27 14.42
C ALA A 302 -17.65 0.20 13.70
N ARG A 303 -16.58 0.66 13.05
CA ARG A 303 -15.64 -0.16 12.26
C ARG A 303 -14.45 0.72 11.90
N MET A 304 -13.26 0.13 12.03
CA MET A 304 -11.97 0.81 11.81
C MET A 304 -11.00 -0.23 11.28
N ASN A 305 -10.51 0.00 10.05
CA ASN A 305 -9.63 -0.94 9.34
C ASN A 305 -10.39 -2.25 9.01
N GLY A 306 -11.55 -2.10 8.38
CA GLY A 306 -12.44 -3.22 8.02
C GLY A 306 -12.61 -4.21 9.16
N GLU A 307 -13.01 -3.68 10.33
CA GLU A 307 -12.99 -4.41 11.60
C GLU A 307 -13.61 -3.60 12.77
N LYS A 308 -13.97 -4.34 13.81
CA LYS A 308 -14.72 -3.83 14.93
C LYS A 308 -13.87 -2.84 15.74
N VAL A 309 -14.52 -1.81 16.26
CA VAL A 309 -13.91 -1.00 17.26
C VAL A 309 -14.65 -1.36 18.53
N HIS A 310 -13.89 -1.41 19.63
CA HIS A 310 -14.43 -1.69 20.95
C HIS A 310 -14.41 -0.42 21.79
N TYR A 311 -15.40 -0.27 22.66
CA TYR A 311 -15.46 0.88 23.57
C TYR A 311 -15.47 0.46 25.02
N GLN A 312 -14.66 -0.56 25.33
CA GLN A 312 -14.48 -1.14 26.66
C GLN A 312 -13.48 -0.37 27.53
N TRP A 313 -12.36 0.01 26.89
CA TRP A 313 -11.29 0.82 27.47
C TRP A 313 -11.13 1.91 26.47
N CYS A 314 -11.51 3.11 26.89
CA CYS A 314 -11.63 4.26 25.99
C CYS A 314 -10.55 5.26 26.24
N ILE A 315 -9.80 5.56 25.17
CA ILE A 315 -8.67 6.49 25.23
C ILE A 315 -8.81 7.39 24.04
N GLU A 316 -9.15 8.65 24.29
CA GLU A 316 -9.50 9.58 23.23
C GLU A 316 -8.25 10.20 22.61
N ASP A 317 -8.16 10.14 21.28
CA ASP A 317 -6.97 10.69 20.65
C ASP A 317 -7.10 12.20 20.64
N PRO A 318 -6.06 12.90 21.17
CA PRO A 318 -6.03 14.35 21.23
C PRO A 318 -6.42 15.00 19.91
N TYR A 319 -5.93 14.42 18.81
CA TYR A 319 -6.05 15.01 17.48
C TYR A 319 -6.91 14.27 16.47
N GLU A 320 -6.84 12.94 16.40
CA GLU A 320 -7.63 12.23 15.38
C GLU A 320 -9.08 12.41 15.70
N LEU A 321 -9.92 12.27 14.68
CA LEU A 321 -11.36 12.43 14.82
C LEU A 321 -12.05 11.12 15.21
N ASN A 322 -12.67 11.11 16.39
CA ASN A 322 -13.46 9.95 16.83
C ASN A 322 -12.63 8.66 16.79
N LEU A 323 -11.41 8.76 17.26
CA LEU A 323 -10.49 7.63 17.32
C LEU A 323 -10.22 7.19 18.76
N ASN A 324 -10.72 6.02 19.12
CA ASN A 324 -10.41 5.43 20.41
C ASN A 324 -9.06 4.66 20.34
N VAL A 325 -8.13 5.00 21.21
CA VAL A 325 -6.79 4.43 21.13
C VAL A 325 -6.74 2.99 21.72
N GLY A 326 -7.75 2.64 22.51
CA GLY A 326 -7.91 1.28 23.04
C GLY A 326 -9.05 0.55 22.32
N ARG A 327 -9.22 0.84 21.03
CA ARG A 327 -10.23 0.19 20.21
C ARG A 327 -10.01 -1.34 20.08
N ASN A 328 -8.85 -1.81 20.51
CA ASN A 328 -8.48 -3.25 20.38
C ASN A 328 -8.64 -4.01 21.67
N VAL A 329 -9.03 -3.28 22.71
CA VAL A 329 -9.24 -3.86 24.01
C VAL A 329 -10.60 -4.52 24.01
N THR A 330 -10.57 -5.79 23.61
CA THR A 330 -11.73 -6.65 23.55
C THR A 330 -12.16 -6.93 24.98
N PRO A 331 -13.40 -7.45 25.18
CA PRO A 331 -13.80 -7.60 26.57
C PRO A 331 -12.85 -8.50 27.32
N LEU A 332 -12.18 -9.40 26.61
CA LEU A 332 -11.20 -10.28 27.24
C LEU A 332 -9.88 -9.58 27.55
N LYS A 333 -9.39 -8.76 26.63
CA LYS A 333 -8.19 -7.97 26.90
C LYS A 333 -8.38 -6.96 28.03
N ARG A 334 -9.61 -6.61 28.34
CA ARG A 334 -9.86 -5.75 29.50
C ARG A 334 -9.75 -6.59 30.80
N ASP A 335 -10.00 -7.90 30.69
CA ASP A 335 -9.73 -8.87 31.77
C ASP A 335 -8.22 -8.83 32.08
N PHE A 336 -7.38 -9.12 31.08
CA PHE A 336 -5.92 -9.23 31.29
C PHE A 336 -5.31 -7.96 31.88
N LEU A 337 -5.81 -6.82 31.42
CA LEU A 337 -5.39 -5.51 31.89
C LEU A 337 -5.67 -5.32 33.38
N ARG A 338 -6.87 -5.68 33.83
CA ARG A 338 -7.20 -5.67 35.27
C ARG A 338 -6.38 -6.71 36.01
N ARG A 339 -6.27 -7.89 35.41
CA ARG A 339 -5.50 -9.00 35.95
C ARG A 339 -4.07 -8.52 36.20
N HIS A 340 -3.46 -7.84 35.23
CA HIS A 340 -2.06 -7.43 35.35
C HIS A 340 -1.85 -6.21 36.25
N LEU A 341 -2.83 -5.30 36.26
CA LEU A 341 -2.77 -4.13 37.11
C LEU A 341 -2.77 -4.52 38.58
N GLU A 342 -3.20 -5.74 38.86
CA GLU A 342 -3.22 -6.25 40.23
C GLU A 342 -1.92 -6.98 40.60
N LYS A 343 -1.44 -7.86 39.72
CA LYS A 343 -0.16 -8.52 39.95
C LYS A 343 1.00 -7.52 40.04
N ALA A 344 0.96 -6.49 39.21
CA ALA A 344 1.98 -5.43 39.19
C ALA A 344 2.11 -4.68 40.51
N ARG A 345 1.08 -4.78 41.35
CA ARG A 345 1.03 -4.09 42.61
C ARG A 345 1.86 -4.83 43.67
N ASP A 346 2.09 -6.12 43.42
CA ASP A 346 2.77 -7.00 44.38
C ASP A 346 4.12 -7.48 43.82
N THR A 347 4.34 -7.29 42.52
CA THR A 347 5.64 -7.58 41.84
C THR A 347 6.49 -6.33 41.47
N ALA A 348 6.14 -5.16 42.01
CA ALA A 348 6.75 -3.87 41.64
C ALA A 348 6.86 -3.73 40.11
N LEU A 349 5.74 -3.80 39.40
CA LEU A 349 5.74 -3.89 37.94
C LEU A 349 6.80 -4.87 37.46
N LEU A 350 6.68 -6.14 37.89
CA LEU A 350 7.55 -7.27 37.45
C LEU A 350 9.04 -7.22 37.84
N THR A 351 9.42 -6.43 38.84
CA THR A 351 10.86 -6.32 39.15
C THR A 351 11.31 -7.13 40.40
N ILE A 352 10.41 -7.32 41.36
CA ILE A 352 10.68 -8.17 42.53
C ILE A 352 9.77 -9.39 42.57
N PRO B 23 26.84 -5.90 -27.26
CA PRO B 23 25.65 -5.39 -27.96
C PRO B 23 25.08 -4.13 -27.28
N SER B 24 25.58 -2.98 -27.72
CA SER B 24 25.27 -1.70 -27.10
C SER B 24 23.77 -1.40 -27.06
N PRO B 25 23.35 -0.50 -26.14
CA PRO B 25 21.95 -0.07 -26.19
C PRO B 25 21.56 0.50 -27.55
N ALA B 26 22.33 1.44 -28.09
CA ALA B 26 21.98 2.09 -29.36
C ALA B 26 21.93 1.12 -30.55
N VAL B 27 22.82 0.14 -30.53
CA VAL B 27 22.91 -0.88 -31.57
C VAL B 27 21.65 -1.74 -31.51
N VAL B 28 21.25 -2.12 -30.30
CA VAL B 28 20.01 -2.86 -30.03
C VAL B 28 18.79 -2.06 -30.51
N GLY B 29 18.76 -0.79 -30.14
CA GLY B 29 17.66 0.10 -30.50
C GLY B 29 17.52 0.30 -32.01
N ARG B 30 18.65 0.39 -32.70
CA ARG B 30 18.64 0.63 -34.14
C ARG B 30 17.98 -0.55 -34.87
N SER B 31 18.26 -1.75 -34.36
CA SER B 31 17.70 -3.00 -34.86
C SER B 31 16.19 -3.10 -34.61
N LEU B 32 15.78 -2.64 -33.42
CA LEU B 32 14.36 -2.64 -33.04
C LEU B 32 13.59 -1.63 -33.89
N VAL B 33 14.08 -0.40 -33.98
CA VAL B 33 13.46 0.62 -34.82
C VAL B 33 13.29 0.13 -36.26
N ASN B 34 14.37 -0.41 -36.83
CA ASN B 34 14.42 -0.95 -38.20
C ASN B 34 13.63 -2.23 -38.41
N SER B 35 13.19 -2.86 -37.32
CA SER B 35 12.32 -4.04 -37.43
C SER B 35 10.85 -3.64 -37.54
N PHE B 36 10.55 -2.38 -37.22
CA PHE B 36 9.19 -1.86 -37.28
C PHE B 36 8.88 -0.99 -38.50
N LYS B 37 9.76 -0.99 -39.51
CA LYS B 37 9.55 -0.18 -40.71
C LYS B 37 8.22 -0.49 -41.40
N GLN B 38 8.00 -1.78 -41.67
CA GLN B 38 6.76 -2.31 -42.25
C GLN B 38 5.52 -1.98 -41.39
N PHE B 39 5.63 -2.16 -40.09
CA PHE B 39 4.52 -1.90 -39.18
C PHE B 39 4.18 -0.39 -39.07
N VAL B 40 5.21 0.45 -38.96
CA VAL B 40 4.99 1.90 -38.79
C VAL B 40 4.53 2.57 -40.09
N SER B 41 4.74 1.90 -41.23
CA SER B 41 4.45 2.48 -42.55
C SER B 41 2.97 2.40 -42.93
N LYS B 42 2.23 1.52 -42.26
CA LYS B 42 0.82 1.32 -42.56
C LYS B 42 -0.10 2.18 -41.66
N ASP B 43 -1.38 2.22 -42.04
CA ASP B 43 -2.38 3.02 -41.32
C ASP B 43 -2.68 2.41 -39.95
N LEU B 44 -2.52 3.25 -38.92
CA LEU B 44 -2.64 2.84 -37.53
C LEU B 44 -3.83 3.51 -36.82
N HIS B 45 -4.56 4.35 -37.55
CA HIS B 45 -5.74 5.02 -37.03
C HIS B 45 -6.82 4.02 -36.59
N THR B 46 -7.65 4.45 -35.65
CA THR B 46 -8.73 3.62 -35.12
C THR B 46 -10.10 3.96 -35.71
N ARG B 47 -10.12 4.42 -36.95
CA ARG B 47 -11.34 4.90 -37.61
C ARG B 47 -12.28 3.76 -37.98
N HIS B 48 -11.70 2.62 -38.32
CA HIS B 48 -12.47 1.44 -38.74
C HIS B 48 -13.09 0.71 -37.56
N VAL B 49 -12.40 0.75 -36.42
CA VAL B 49 -12.92 0.27 -35.14
C VAL B 49 -14.14 1.11 -34.73
N ASP B 50 -14.05 2.43 -34.91
CA ASP B 50 -15.16 3.39 -34.65
C ASP B 50 -16.41 3.15 -35.49
N ALA B 51 -16.22 2.95 -36.80
CA ALA B 51 -17.32 2.69 -37.71
C ALA B 51 -17.99 1.38 -37.35
N THR B 52 -17.19 0.41 -36.91
CA THR B 52 -17.69 -0.86 -36.40
C THR B 52 -18.40 -0.68 -35.05
N TYR B 53 -17.92 0.25 -34.23
CA TYR B 53 -18.51 0.49 -32.91
C TYR B 53 -19.97 0.97 -33.00
N ARG B 54 -20.22 1.92 -33.91
CA ARG B 54 -21.56 2.48 -34.16
C ARG B 54 -22.44 1.43 -34.83
N LEU B 55 -21.84 0.69 -35.75
CA LEU B 55 -22.50 -0.37 -36.51
C LEU B 55 -22.58 -1.68 -35.74
N VAL B 56 -22.62 -1.58 -34.41
CA VAL B 56 -22.93 -2.70 -33.50
C VAL B 56 -23.58 -2.12 -32.26
N LEU B 57 -23.53 -0.80 -32.16
CA LEU B 57 -24.27 -0.07 -31.13
C LEU B 57 -25.76 -0.05 -31.45
N ASP B 58 -26.09 -0.22 -32.73
CA ASP B 58 -27.47 -0.29 -33.22
C ASP B 58 -28.08 -1.67 -33.01
N CYS B 59 -27.23 -2.68 -32.87
CA CYS B 59 -27.69 -4.01 -32.53
C CYS B 59 -28.05 -4.10 -31.05
N VAL B 60 -27.33 -3.34 -30.22
CA VAL B 60 -27.60 -3.23 -28.79
C VAL B 60 -28.84 -2.36 -28.52
N ALA B 61 -29.01 -1.29 -29.30
CA ALA B 61 -30.22 -0.46 -29.23
C ALA B 61 -31.47 -1.31 -29.50
N ALA B 62 -31.31 -2.31 -30.38
CA ALA B 62 -32.37 -3.29 -30.67
C ALA B 62 -32.71 -4.16 -29.46
N VAL B 63 -31.93 -4.04 -28.39
CA VAL B 63 -32.21 -4.76 -27.15
C VAL B 63 -32.24 -3.84 -25.90
N ASP B 64 -31.98 -2.54 -26.09
CA ASP B 64 -32.11 -1.52 -25.02
C ASP B 64 -31.74 -0.11 -25.49
N MET B 67 -28.87 0.03 -21.95
CA MET B 67 -27.77 -0.94 -22.09
C MET B 67 -26.64 -0.49 -23.07
N ARG B 68 -25.41 -0.43 -22.54
CA ARG B 68 -24.29 0.24 -23.21
C ARG B 68 -23.25 -0.74 -23.81
N LEU B 69 -22.45 -0.24 -24.76
CA LEU B 69 -21.39 -1.04 -25.38
C LEU B 69 -20.03 -0.38 -25.17
N TYR B 70 -19.01 -1.20 -24.90
CA TYR B 70 -17.67 -0.73 -24.58
C TYR B 70 -16.61 -1.46 -25.41
N THR B 71 -15.63 -0.72 -25.93
CA THR B 71 -14.48 -1.33 -26.61
C THR B 71 -13.40 -1.58 -25.56
N PHE B 72 -12.82 -2.78 -25.54
CA PHE B 72 -11.70 -3.03 -24.65
C PHE B 72 -10.62 -3.83 -25.35
N GLY B 73 -9.55 -4.12 -24.62
CA GLY B 73 -8.44 -4.87 -25.16
C GLY B 73 -7.35 -3.98 -25.72
N SER B 74 -6.60 -4.55 -26.65
CA SER B 74 -5.38 -3.94 -27.18
C SER B 74 -5.47 -2.56 -27.87
N THR B 75 -6.58 -2.28 -28.56
CA THR B 75 -6.73 -1.04 -29.31
C THR B 75 -7.04 0.11 -28.36
N VAL B 76 -7.55 -0.25 -27.18
CA VAL B 76 -7.78 0.72 -26.11
C VAL B 76 -6.43 0.99 -25.44
N VAL B 77 -5.71 -0.09 -25.11
CA VAL B 77 -4.39 0.01 -24.48
C VAL B 77 -3.50 0.92 -25.28
N TYR B 78 -3.41 0.69 -26.59
CA TYR B 78 -2.47 1.43 -27.46
C TYR B 78 -2.98 2.69 -28.13
N GLY B 79 -4.29 2.80 -28.31
CA GLY B 79 -4.87 3.89 -29.09
C GLY B 79 -4.61 3.72 -30.57
N VAL B 80 -4.11 2.53 -30.95
CA VAL B 80 -3.78 2.18 -32.35
C VAL B 80 -4.48 0.91 -32.85
N HIS B 81 -4.76 0.87 -34.15
CA HIS B 81 -5.26 -0.34 -34.78
C HIS B 81 -4.35 -0.77 -35.92
N GLU B 82 -4.20 -2.07 -36.10
CA GLU B 82 -3.55 -2.60 -37.30
C GLU B 82 -4.59 -3.37 -38.11
N LYS B 83 -4.71 -3.03 -39.39
CA LYS B 83 -5.91 -3.34 -40.16
C LYS B 83 -6.51 -4.76 -40.06
N GLY B 84 -5.68 -5.77 -39.82
CA GLY B 84 -6.15 -7.16 -39.82
C GLY B 84 -6.38 -7.86 -38.49
N SER B 85 -6.09 -7.20 -37.37
CA SER B 85 -6.27 -7.84 -36.06
C SER B 85 -7.66 -7.64 -35.43
N ASP B 86 -8.09 -8.65 -34.68
CA ASP B 86 -9.39 -8.66 -34.01
C ASP B 86 -9.59 -7.47 -33.06
N VAL B 87 -10.85 -7.09 -32.84
CA VAL B 87 -11.23 -6.10 -31.83
C VAL B 87 -12.07 -6.81 -30.78
N ASP B 88 -12.14 -6.26 -29.57
CA ASP B 88 -12.91 -6.81 -28.47
C ASP B 88 -13.95 -5.80 -28.04
N PHE B 89 -15.19 -6.26 -27.94
CA PHE B 89 -16.27 -5.44 -27.38
C PHE B 89 -16.85 -6.19 -26.18
N VAL B 90 -17.63 -5.48 -25.37
CA VAL B 90 -18.38 -6.07 -24.25
C VAL B 90 -19.61 -5.22 -24.01
N VAL B 91 -20.77 -5.86 -23.90
CA VAL B 91 -22.01 -5.13 -23.63
C VAL B 91 -22.33 -5.11 -22.13
N LEU B 92 -22.48 -3.91 -21.59
CA LEU B 92 -22.62 -3.72 -20.16
C LEU B 92 -23.94 -3.07 -19.80
N ASN B 93 -24.69 -3.73 -18.91
CA ASN B 93 -25.91 -3.18 -18.35
C ASN B 93 -25.66 -1.79 -17.75
N LYS B 94 -26.64 -0.89 -17.89
CA LYS B 94 -26.54 0.45 -17.30
C LYS B 94 -26.29 0.39 -15.78
N THR B 95 -26.87 -0.62 -15.12
CA THR B 95 -26.65 -0.85 -13.68
C THR B 95 -25.26 -1.43 -13.37
N ASP B 96 -24.69 -2.12 -14.34
CA ASP B 96 -23.28 -2.57 -14.30
C ASP B 96 -22.30 -1.40 -14.50
N VAL B 97 -22.76 -0.37 -15.21
CA VAL B 97 -21.98 0.85 -15.48
C VAL B 97 -22.01 1.82 -14.29
N GLU B 98 -23.20 2.12 -13.78
CA GLU B 98 -23.34 2.97 -12.57
C GLU B 98 -22.78 2.29 -11.32
N ASP B 99 -22.60 0.97 -11.45
CA ASP B 99 -21.77 0.16 -10.57
C ASP B 99 -20.37 0.06 -11.22
N GLY B 100 -19.80 1.23 -11.55
CA GLY B 100 -18.50 1.34 -12.25
C GLY B 100 -17.36 0.62 -11.56
N LYS B 101 -16.98 1.12 -10.39
CA LYS B 101 -15.96 0.48 -9.55
C LYS B 101 -16.49 -0.80 -8.92
N ALA B 110 -26.17 -18.39 -13.26
CA ALA B 110 -25.82 -17.00 -13.54
C ALA B 110 -24.44 -16.88 -14.22
N LYS B 111 -23.64 -17.93 -14.12
CA LYS B 111 -22.32 -17.97 -14.76
C LYS B 111 -22.45 -18.21 -16.28
N GLY B 112 -23.69 -18.27 -16.76
CA GLY B 112 -24.04 -18.40 -18.17
C GLY B 112 -25.32 -17.62 -18.47
N LEU B 113 -25.65 -16.68 -17.60
CA LEU B 113 -26.77 -15.74 -17.76
C LEU B 113 -26.48 -14.72 -18.86
N GLN B 114 -25.20 -14.69 -19.26
CA GLN B 114 -24.68 -13.82 -20.31
C GLN B 114 -24.96 -14.39 -21.67
N ALA B 115 -24.76 -15.70 -21.82
CA ALA B 115 -25.07 -16.38 -23.07
C ALA B 115 -26.45 -15.95 -23.58
N ASP B 116 -27.36 -15.66 -22.66
CA ASP B 116 -28.75 -15.36 -23.01
C ASP B 116 -28.97 -13.98 -23.64
N ILE B 117 -28.08 -13.03 -23.36
CA ILE B 117 -28.09 -11.74 -24.05
C ILE B 117 -27.20 -11.79 -25.31
N LEU B 118 -26.35 -12.81 -25.38
CA LEU B 118 -25.47 -13.02 -26.53
C LEU B 118 -26.12 -13.89 -27.61
N ALA B 119 -27.05 -14.74 -27.21
CA ALA B 119 -27.89 -15.48 -28.16
C ALA B 119 -28.95 -14.54 -28.72
N LYS B 120 -29.39 -13.60 -27.89
CA LYS B 120 -30.43 -12.64 -28.25
C LYS B 120 -29.88 -11.47 -29.07
N LEU B 121 -28.55 -11.31 -29.08
CA LEU B 121 -27.92 -10.27 -29.88
C LEU B 121 -27.24 -10.81 -31.13
N ALA B 122 -26.59 -11.97 -31.03
CA ALA B 122 -26.08 -12.64 -32.24
C ALA B 122 -27.22 -13.02 -33.19
N ARG B 123 -28.44 -13.00 -32.67
CA ARG B 123 -29.65 -13.17 -33.46
C ARG B 123 -29.91 -11.88 -34.22
N VAL B 124 -29.77 -10.75 -33.53
CA VAL B 124 -30.02 -9.42 -34.11
C VAL B 124 -28.95 -9.02 -35.11
N ILE B 125 -27.68 -9.31 -34.83
CA ILE B 125 -26.61 -8.94 -35.76
C ILE B 125 -26.76 -9.65 -37.10
N ARG B 126 -27.23 -10.90 -37.07
CA ARG B 126 -27.60 -11.67 -38.27
C ARG B 126 -28.76 -11.01 -39.02
N GLN B 127 -29.76 -10.58 -38.26
CA GLN B 127 -30.95 -9.92 -38.78
C GLN B 127 -30.59 -8.62 -39.50
N LYS B 128 -29.58 -7.92 -38.99
CA LYS B 128 -29.13 -6.65 -39.54
C LYS B 128 -28.05 -6.82 -40.63
N HIS B 129 -27.32 -7.94 -40.58
CA HIS B 129 -26.27 -8.26 -41.55
C HIS B 129 -26.25 -9.75 -41.91
N LEU B 130 -26.79 -10.07 -43.09
CA LEU B 130 -26.92 -11.46 -43.53
C LEU B 130 -25.66 -11.92 -44.29
N SER B 131 -24.83 -10.95 -44.65
CA SER B 131 -23.54 -11.19 -45.32
C SER B 131 -22.40 -11.42 -44.33
N TRP B 132 -22.68 -11.22 -43.05
CA TRP B 132 -21.68 -11.38 -41.98
C TRP B 132 -21.67 -12.82 -41.45
N ASN B 133 -20.48 -13.32 -41.09
CA ASN B 133 -20.34 -14.63 -40.43
C ASN B 133 -20.36 -14.41 -38.91
N VAL B 134 -21.49 -14.71 -38.26
CA VAL B 134 -21.60 -14.52 -36.82
C VAL B 134 -21.79 -15.85 -36.08
N GLU B 135 -20.81 -16.15 -35.22
CA GLU B 135 -20.77 -17.39 -34.46
C GLU B 135 -21.01 -17.11 -32.98
N GLU B 136 -22.01 -17.78 -32.39
CA GLU B 136 -22.17 -17.86 -30.93
C GLU B 136 -21.33 -19.05 -30.48
N VAL B 137 -20.10 -18.78 -30.05
CA VAL B 137 -19.03 -19.79 -30.02
C VAL B 137 -19.23 -20.93 -29.02
N ARG B 138 -18.96 -22.13 -29.52
CA ARG B 138 -18.76 -23.40 -28.79
C ARG B 138 -18.70 -23.26 -27.26
N VAL B 142 -15.98 -18.96 -20.95
CA VAL B 142 -16.48 -17.59 -21.07
C VAL B 142 -17.20 -17.29 -22.40
N PRO B 143 -18.53 -17.05 -22.35
CA PRO B 143 -19.40 -16.94 -23.53
C PRO B 143 -19.13 -15.75 -24.46
N VAL B 144 -18.81 -16.05 -25.73
CA VAL B 144 -18.37 -15.05 -26.72
C VAL B 144 -19.02 -15.23 -28.10
N VAL B 145 -19.41 -14.12 -28.74
CA VAL B 145 -19.89 -14.11 -30.12
C VAL B 145 -18.81 -13.53 -31.05
N ARG B 146 -18.22 -14.41 -31.87
CA ARG B 146 -17.15 -14.03 -32.80
C ARG B 146 -17.71 -13.70 -34.18
N VAL B 147 -17.48 -12.48 -34.65
CA VAL B 147 -18.08 -11.97 -35.88
C VAL B 147 -17.04 -11.60 -36.93
N LYS B 148 -17.30 -12.01 -38.16
CA LYS B 148 -16.49 -11.64 -39.33
C LYS B 148 -17.45 -11.15 -40.41
N GLY B 149 -17.00 -10.17 -41.20
CA GLY B 149 -17.86 -9.65 -42.25
C GLY B 149 -17.48 -8.27 -42.78
N GLY B 150 -17.67 -8.10 -44.10
CA GLY B 150 -17.30 -6.88 -44.81
C GLY B 150 -18.05 -5.68 -44.30
N GLY B 151 -17.35 -4.55 -44.24
CA GLY B 151 -17.86 -3.32 -43.66
C GLY B 151 -17.50 -3.11 -42.19
N ALA B 152 -16.85 -4.11 -41.58
CA ALA B 152 -16.45 -4.04 -40.17
C ALA B 152 -15.21 -4.90 -39.85
N VAL B 153 -14.56 -4.59 -38.73
CA VAL B 153 -13.39 -5.36 -38.27
C VAL B 153 -13.79 -6.75 -37.72
N ASP B 154 -12.87 -7.71 -37.77
CA ASP B 154 -13.14 -9.04 -37.24
C ASP B 154 -13.22 -8.92 -35.72
N PHE B 155 -14.39 -8.51 -35.22
CA PHE B 155 -14.55 -8.27 -33.78
C PHE B 155 -15.04 -9.51 -33.02
N ASP B 156 -14.86 -9.48 -31.71
CA ASP B 156 -15.12 -10.61 -30.84
C ASP B 156 -15.87 -10.05 -29.61
N ILE B 157 -17.19 -10.26 -29.54
CA ILE B 157 -18.02 -9.63 -28.50
C ILE B 157 -18.42 -10.56 -27.36
N THR B 158 -18.32 -10.05 -26.12
CA THR B 158 -18.76 -10.76 -24.93
C THR B 158 -19.79 -9.91 -24.14
N ALA B 159 -20.24 -10.38 -22.98
CA ALA B 159 -21.23 -9.63 -22.20
C ALA B 159 -20.88 -9.50 -20.71
N TYR B 160 -21.41 -8.45 -20.09
CA TYR B 160 -21.55 -8.34 -18.63
C TYR B 160 -20.26 -8.38 -17.79
N ARG B 161 -19.10 -8.24 -18.44
CA ARG B 161 -17.83 -8.16 -17.71
C ARG B 161 -17.22 -6.75 -17.81
N ARG B 162 -16.90 -6.18 -16.65
CA ARG B 162 -16.50 -4.76 -16.52
C ARG B 162 -14.98 -4.61 -16.38
N ASN B 163 -14.32 -5.69 -15.98
CA ASN B 163 -12.88 -5.69 -15.70
C ASN B 163 -12.01 -5.45 -16.95
N GLY B 164 -12.38 -6.07 -18.05
CA GLY B 164 -11.66 -5.91 -19.29
C GLY B 164 -11.66 -4.46 -19.74
N VAL B 165 -12.81 -3.80 -19.59
CA VAL B 165 -12.91 -2.35 -19.91
C VAL B 165 -12.19 -1.52 -18.84
N ARG B 166 -12.07 -2.09 -17.64
CA ARG B 166 -11.47 -1.40 -16.52
C ARG B 166 -9.95 -1.45 -16.59
N ASN B 167 -9.39 -2.63 -16.83
CA ASN B 167 -7.92 -2.75 -16.94
C ASN B 167 -7.31 -2.16 -18.22
N SER B 168 -8.04 -2.26 -19.33
CA SER B 168 -7.61 -1.62 -20.57
C SER B 168 -7.53 -0.12 -20.40
N ALA B 169 -8.39 0.42 -19.54
CA ALA B 169 -8.44 1.85 -19.25
C ALA B 169 -7.29 2.22 -18.32
N LEU B 170 -6.90 1.27 -17.46
CA LEU B 170 -5.72 1.46 -16.62
C LEU B 170 -4.45 1.49 -17.45
N LEU B 171 -4.23 0.47 -18.27
CA LEU B 171 -2.99 0.37 -19.05
C LEU B 171 -2.86 1.52 -20.04
N ARG B 172 -3.99 1.96 -20.59
CA ARG B 172 -4.03 3.14 -21.44
C ARG B 172 -3.67 4.41 -20.70
N ALA B 173 -4.23 4.65 -19.52
CA ALA B 173 -3.82 5.81 -18.72
C ALA B 173 -2.29 5.83 -18.53
N TYR B 174 -1.71 4.66 -18.29
CA TYR B 174 -0.27 4.51 -18.08
C TYR B 174 0.55 4.79 -19.33
N PHE B 175 0.03 4.50 -20.53
CA PHE B 175 0.76 4.81 -21.75
C PHE B 175 0.62 6.24 -22.22
N GLU B 176 -0.40 6.96 -21.74
CA GLU B 176 -0.56 8.37 -22.06
C GLU B 176 0.51 9.19 -21.38
N GLN B 177 1.00 8.66 -20.26
CA GLN B 177 2.01 9.32 -19.45
C GLN B 177 3.26 9.44 -20.30
N ASN B 178 3.51 8.39 -21.08
CA ASN B 178 4.71 8.24 -21.89
C ASN B 178 4.43 7.36 -23.12
N PRO B 179 3.80 7.94 -24.18
CA PRO B 179 3.45 7.21 -25.39
C PRO B 179 4.56 6.39 -26.10
N PRO B 180 5.84 6.88 -26.15
CA PRO B 180 6.95 6.06 -26.67
C PRO B 180 7.28 4.77 -25.90
N CYS B 181 6.75 4.63 -24.70
CA CYS B 181 6.88 3.39 -23.94
C CYS B 181 6.08 2.27 -24.61
N ARG B 182 5.13 2.63 -25.46
CA ARG B 182 4.35 1.63 -26.15
C ARG B 182 5.23 0.75 -27.02
N TRP B 183 6.35 1.31 -27.51
CA TRP B 183 7.33 0.56 -28.31
C TRP B 183 7.97 -0.58 -27.51
N LEU B 184 8.23 -0.34 -26.22
CA LEU B 184 8.77 -1.39 -25.34
C LEU B 184 7.76 -2.51 -25.28
N SER B 185 6.50 -2.15 -25.06
CA SER B 185 5.38 -3.09 -25.01
C SER B 185 5.24 -3.95 -26.29
N MET B 186 5.38 -3.31 -27.45
CA MET B 186 5.20 -4.01 -28.74
C MET B 186 6.41 -4.91 -29.14
N SER B 187 7.59 -4.60 -28.60
CA SER B 187 8.79 -5.40 -28.78
C SER B 187 8.68 -6.67 -27.97
N ILE B 188 8.36 -6.51 -26.69
CA ILE B 188 8.15 -7.65 -25.80
C ILE B 188 7.08 -8.57 -26.37
N LYS B 189 5.94 -8.00 -26.76
CA LYS B 189 4.80 -8.80 -27.27
C LYS B 189 5.20 -9.70 -28.43
N ARG B 190 5.79 -9.09 -29.46
CA ARG B 190 6.26 -9.80 -30.64
C ARG B 190 7.27 -10.84 -30.19
N TRP B 191 8.23 -10.41 -29.36
CA TRP B 191 9.31 -11.27 -28.88
C TRP B 191 8.80 -12.49 -28.13
N SER B 192 7.70 -12.34 -27.39
CA SER B 192 7.19 -13.40 -26.53
C SER B 192 6.33 -14.40 -27.30
N LYS B 193 5.70 -13.94 -28.37
CA LYS B 193 4.97 -14.82 -29.27
C LYS B 193 5.94 -15.62 -30.13
N GLN B 194 6.97 -14.96 -30.65
CA GLN B 194 8.07 -15.64 -31.33
C GLN B 194 8.68 -16.74 -30.45
N THR B 195 9.18 -16.39 -29.27
CA THR B 195 9.78 -17.37 -28.37
C THR B 195 8.90 -18.54 -27.96
N GLY B 196 7.58 -18.37 -28.01
CA GLY B 196 6.67 -19.45 -27.59
C GLY B 196 6.18 -19.25 -26.17
N LEU B 197 6.70 -18.20 -25.53
CA LEU B 197 6.31 -17.80 -24.18
C LEU B 197 4.89 -17.23 -24.05
N ASN B 198 4.44 -16.47 -25.05
CA ASN B 198 3.08 -15.96 -25.04
C ASN B 198 2.11 -17.12 -24.95
N ALA B 199 1.00 -16.95 -24.21
CA ALA B 199 0.00 -18.01 -24.04
C ALA B 199 -0.91 -18.16 -25.27
N SER B 200 -0.78 -17.22 -26.21
CA SER B 200 -1.38 -17.33 -27.55
C SER B 200 -0.73 -18.49 -28.33
N VAL B 201 0.42 -18.95 -27.85
CA VAL B 201 1.16 -20.04 -28.48
C VAL B 201 0.93 -21.34 -27.70
N ILE B 202 0.65 -22.43 -28.41
CA ILE B 202 0.58 -23.77 -27.82
C ILE B 202 1.81 -23.93 -26.94
N GLY B 203 1.56 -24.15 -25.63
CA GLY B 203 2.62 -24.31 -24.65
C GLY B 203 3.12 -22.99 -24.06
N GLY B 204 2.28 -21.95 -24.17
CA GLY B 204 2.63 -20.60 -23.70
C GLY B 204 2.17 -20.32 -22.28
N SER B 205 3.02 -19.61 -21.53
CA SER B 205 2.78 -19.40 -20.10
C SER B 205 2.05 -18.10 -19.70
N ILE B 206 2.45 -16.96 -20.29
CA ILE B 206 1.88 -15.63 -19.96
C ILE B 206 1.26 -14.90 -21.15
N THR B 207 0.03 -14.41 -20.95
CA THR B 207 -0.69 -13.71 -21.99
C THR B 207 -0.03 -12.35 -22.28
N SER B 208 -0.41 -11.75 -23.42
CA SER B 208 0.06 -10.42 -23.84
C SER B 208 -0.28 -9.37 -22.79
N TYR B 209 -1.34 -9.65 -22.04
CA TYR B 209 -1.81 -8.75 -20.99
C TYR B 209 -0.84 -8.83 -19.82
N GLY B 210 -0.37 -10.04 -19.56
CA GLY B 210 0.60 -10.31 -18.47
C GLY B 210 1.98 -9.74 -18.70
N PHE B 211 2.38 -9.59 -19.96
CA PHE B 211 3.66 -8.91 -20.26
C PHE B 211 3.53 -7.40 -20.08
N ASN B 212 2.35 -6.85 -20.36
CA ASN B 212 2.07 -5.40 -20.18
C ASN B 212 1.95 -5.02 -18.72
N LEU B 213 1.44 -5.94 -17.91
CA LEU B 213 1.51 -5.76 -16.47
C LEU B 213 2.95 -5.75 -15.97
N MET B 214 3.82 -6.52 -16.62
CA MET B 214 5.26 -6.55 -16.32
C MET B 214 5.94 -5.29 -16.84
N VAL B 215 5.63 -4.89 -18.06
CA VAL B 215 6.29 -3.70 -18.63
C VAL B 215 6.03 -2.51 -17.71
N VAL B 216 4.77 -2.30 -17.37
CA VAL B 216 4.35 -1.15 -16.60
C VAL B 216 4.88 -1.21 -15.19
N TYR B 217 5.00 -2.42 -14.64
CA TYR B 217 5.54 -2.61 -13.30
C TYR B 217 7.01 -2.24 -13.30
N TYR B 218 7.75 -2.76 -14.28
CA TYR B 218 9.16 -2.39 -14.43
C TYR B 218 9.36 -0.87 -14.57
N LEU B 219 8.55 -0.22 -15.41
CA LEU B 219 8.63 1.24 -15.64
C LEU B 219 8.26 2.06 -14.39
N LEU B 220 7.32 1.56 -13.61
CA LEU B 220 6.99 2.21 -12.35
C LEU B 220 8.21 2.21 -11.48
N GLN B 221 8.89 1.07 -11.40
CA GLN B 221 10.08 0.94 -10.60
C GLN B 221 11.17 1.93 -11.00
N ARG B 222 11.34 2.13 -12.30
CA ARG B 222 12.32 3.11 -12.80
C ARG B 222 11.82 4.57 -12.84
N ASN B 223 10.61 4.87 -12.36
CA ASN B 223 10.12 6.28 -12.42
C ASN B 223 9.64 6.77 -13.77
N HIS B 224 9.67 5.96 -14.84
CA HIS B 224 9.24 6.45 -16.16
C HIS B 224 7.71 6.56 -16.22
N LEU B 225 7.08 6.13 -15.14
CA LEU B 225 5.64 6.22 -14.98
C LEU B 225 5.34 6.56 -13.53
N GLN B 226 4.11 6.99 -13.30
CA GLN B 226 3.63 7.43 -12.01
C GLN B 226 2.43 6.57 -11.63
N PHE B 227 2.38 6.15 -10.37
CA PHE B 227 1.33 5.23 -9.96
C PHE B 227 -0.06 5.86 -10.19
N VAL B 228 -0.97 5.05 -10.74
CA VAL B 228 -2.42 5.33 -10.79
C VAL B 228 -3.20 4.24 -10.03
N PRO B 229 -3.83 4.55 -8.89
CA PRO B 229 -4.48 3.46 -8.15
C PRO B 229 -5.56 2.79 -8.98
N PRO B 230 -5.48 1.44 -9.19
CA PRO B 230 -6.51 0.79 -10.01
C PRO B 230 -7.94 1.21 -9.68
N SER B 231 -8.28 1.25 -8.39
CA SER B 231 -9.64 1.55 -7.92
C SER B 231 -10.17 2.87 -8.38
N THR B 232 -9.26 3.79 -8.68
CA THR B 232 -9.55 5.14 -9.19
C THR B 232 -10.35 5.13 -10.52
N ILE B 233 -10.20 4.06 -11.30
CA ILE B 233 -10.71 3.93 -12.67
C ILE B 233 -12.17 3.46 -12.68
N ASP B 234 -13.05 4.38 -13.07
CA ASP B 234 -14.50 4.24 -12.95
C ASP B 234 -15.16 4.03 -14.31
N VAL B 235 -15.72 2.83 -14.53
CA VAL B 235 -16.39 2.43 -15.79
C VAL B 235 -17.50 3.40 -16.28
N SER B 236 -17.97 4.27 -15.38
CA SER B 236 -18.95 5.30 -15.76
C SER B 236 -18.28 6.59 -16.23
N ARG B 237 -16.95 6.55 -16.28
CA ARG B 237 -16.13 7.65 -16.76
C ARG B 237 -15.20 7.24 -17.92
N VAL B 238 -14.95 5.94 -18.06
CA VAL B 238 -14.12 5.43 -19.16
C VAL B 238 -14.86 5.68 -20.46
N GLU B 239 -14.16 6.16 -21.48
CA GLU B 239 -14.76 6.38 -22.78
C GLU B 239 -15.11 5.03 -23.35
N PRO B 240 -16.38 4.86 -23.76
CA PRO B 240 -16.76 3.63 -24.44
C PRO B 240 -15.86 3.37 -25.65
N LEU B 241 -15.41 4.45 -26.29
CA LEU B 241 -14.57 4.37 -27.47
C LEU B 241 -13.52 5.49 -27.45
N PRO B 242 -12.33 5.22 -26.89
CA PRO B 242 -11.31 6.23 -26.75
C PRO B 242 -10.72 6.68 -28.11
N PRO B 243 -10.20 7.93 -28.20
CA PRO B 243 -9.60 8.43 -29.43
C PRO B 243 -8.40 7.62 -29.88
N HIS B 244 -7.93 7.92 -31.09
CA HIS B 244 -6.69 7.39 -31.62
C HIS B 244 -5.54 8.07 -30.90
N LEU B 245 -4.47 7.32 -30.66
CA LEU B 245 -3.25 7.91 -30.08
C LEU B 245 -2.04 7.57 -30.97
N PRO B 246 -1.59 8.57 -31.77
CA PRO B 246 -0.55 8.38 -32.80
C PRO B 246 0.75 7.84 -32.23
N LEU B 247 1.37 6.91 -32.97
CA LEU B 247 2.63 6.34 -32.57
C LEU B 247 3.70 6.94 -33.45
N GLU B 248 4.26 8.04 -32.98
CA GLU B 248 5.47 8.64 -33.56
C GLU B 248 6.61 7.60 -33.49
N GLU B 249 7.33 7.40 -34.60
CA GLU B 249 8.54 6.59 -34.63
C GLU B 249 9.63 7.29 -33.82
N PRO B 250 10.44 6.53 -33.04
CA PRO B 250 11.56 7.10 -32.27
C PRO B 250 12.46 8.08 -33.06
N ALA B 251 12.84 9.19 -32.40
CA ALA B 251 13.65 10.26 -33.04
C ALA B 251 15.15 10.01 -32.93
N ASP B 252 15.55 9.47 -31.78
CA ASP B 252 16.94 9.20 -31.39
C ASP B 252 17.51 7.95 -32.07
N GLU B 253 16.87 7.55 -33.18
CA GLU B 253 17.22 6.36 -33.97
C GLU B 253 17.15 5.08 -33.14
N GLY B 254 16.40 5.14 -32.03
CA GLY B 254 16.07 3.98 -31.19
C GLY B 254 16.90 3.79 -29.93
N LEU B 255 17.61 4.83 -29.50
CA LEU B 255 18.48 4.73 -28.35
C LEU B 255 17.71 4.48 -27.04
N GLU B 256 16.73 5.34 -26.73
CA GLU B 256 15.83 5.16 -25.56
C GLU B 256 15.31 3.72 -25.53
N LEU B 257 14.67 3.30 -26.62
CA LEU B 257 14.12 1.97 -26.75
C LEU B 257 15.21 0.96 -26.49
N GLY B 258 16.37 1.20 -27.10
CA GLY B 258 17.57 0.39 -26.89
C GLY B 258 17.92 0.19 -25.44
N THR B 259 18.02 1.29 -24.70
CA THR B 259 18.29 1.27 -23.26
C THR B 259 17.15 0.66 -22.44
N GLN B 260 15.91 0.95 -22.82
CA GLN B 260 14.74 0.44 -22.10
C GLN B 260 14.66 -1.09 -22.14
N VAL B 261 14.76 -1.66 -23.33
CA VAL B 261 14.62 -3.11 -23.51
C VAL B 261 15.71 -3.89 -22.81
N LEU B 262 16.95 -3.39 -22.86
CA LEU B 262 18.04 -4.09 -22.20
C LEU B 262 17.95 -3.90 -20.70
N ASP B 263 17.60 -2.70 -20.28
CA ASP B 263 17.30 -2.44 -18.87
C ASP B 263 16.16 -3.33 -18.35
N PHE B 264 15.14 -3.55 -19.18
CA PHE B 264 14.00 -4.42 -18.87
C PHE B 264 14.41 -5.86 -18.56
N LEU B 265 15.20 -6.41 -19.46
CA LEU B 265 15.66 -7.79 -19.41
C LEU B 265 16.59 -8.00 -18.22
N HIS B 266 17.38 -6.98 -17.90
CA HIS B 266 18.21 -6.99 -16.70
C HIS B 266 17.36 -7.03 -15.45
N PHE B 267 16.48 -6.03 -15.32
CA PHE B 267 15.55 -5.91 -14.18
C PHE B 267 14.86 -7.24 -13.93
N PHE B 268 14.23 -7.81 -14.94
CA PHE B 268 13.52 -9.07 -14.76
C PHE B 268 14.38 -10.32 -14.55
N LEU B 269 15.66 -10.22 -14.91
CA LEU B 269 16.62 -11.29 -14.65
C LEU B 269 17.29 -11.18 -13.28
N HIS B 270 17.75 -9.99 -12.91
CA HIS B 270 18.53 -9.89 -11.67
C HIS B 270 17.95 -9.05 -10.52
N GLU B 271 17.00 -8.16 -10.81
CA GLU B 271 16.44 -7.32 -9.76
C GLU B 271 15.08 -7.85 -9.30
N PHE B 272 14.21 -8.19 -10.23
CA PHE B 272 13.00 -8.92 -9.85
C PHE B 272 13.40 -10.26 -9.23
N ASP B 273 13.04 -10.40 -7.95
CA ASP B 273 13.31 -11.60 -7.20
C ASP B 273 12.03 -12.38 -7.20
N SER B 274 11.97 -13.41 -8.04
CA SER B 274 10.74 -14.18 -8.27
C SER B 274 10.49 -15.07 -7.08
N ASP B 275 11.53 -15.20 -6.24
CA ASP B 275 11.48 -15.98 -5.02
C ASP B 275 10.67 -15.33 -3.92
N LYS B 276 10.63 -14.00 -3.87
CA LYS B 276 9.87 -13.28 -2.82
C LYS B 276 8.93 -12.22 -3.31
N GLN B 277 9.06 -11.80 -4.55
CA GLN B 277 8.31 -10.63 -5.01
C GLN B 277 7.13 -10.91 -5.97
N VAL B 278 6.19 -10.00 -6.00
CA VAL B 278 5.02 -10.11 -6.86
C VAL B 278 5.05 -8.92 -7.81
N ILE B 279 4.79 -9.20 -9.08
CA ILE B 279 4.58 -8.18 -10.06
C ILE B 279 3.17 -7.68 -9.78
N SER B 280 3.07 -6.41 -9.40
CA SER B 280 1.79 -5.86 -9.03
C SER B 280 1.63 -4.44 -9.53
N LEU B 281 0.43 -4.12 -10.00
CA LEU B 281 0.06 -2.73 -10.22
C LEU B 281 -1.00 -2.29 -9.20
N ASN B 282 -1.16 -3.04 -8.10
CA ASN B 282 -2.23 -2.74 -7.11
C ASN B 282 -1.89 -1.72 -6.00
N ARG B 283 -0.64 -1.78 -5.54
CA ARG B 283 -0.09 -0.89 -4.52
C ARG B 283 1.26 -0.42 -5.03
N PRO B 284 1.68 0.83 -4.67
CA PRO B 284 3.05 1.28 -5.01
C PRO B 284 4.12 0.47 -4.31
N GLY B 285 5.34 0.53 -4.83
CA GLY B 285 6.48 -0.19 -4.30
C GLY B 285 6.38 -1.69 -4.45
N ILE B 286 7.05 -2.38 -3.53
CA ILE B 286 7.24 -3.81 -3.58
C ILE B 286 6.18 -4.60 -2.78
N THR B 287 5.53 -5.50 -3.50
CA THR B 287 4.54 -6.41 -2.96
C THR B 287 5.21 -7.76 -2.79
N THR B 288 5.43 -8.18 -1.55
CA THR B 288 6.05 -9.49 -1.28
C THR B 288 5.03 -10.58 -1.54
N LYS B 289 5.48 -11.81 -1.81
CA LYS B 289 4.57 -12.96 -1.95
C LYS B 289 3.94 -13.34 -0.61
N GLU B 290 4.68 -13.12 0.48
CA GLU B 290 4.20 -13.39 1.83
C GLU B 290 2.94 -12.60 2.15
N GLU B 291 2.89 -11.31 1.79
CA GLU B 291 1.72 -10.50 2.14
C GLU B 291 0.46 -10.85 1.38
N LEU B 292 0.62 -11.59 0.27
CA LEU B 292 -0.52 -12.13 -0.47
C LEU B 292 -0.73 -13.63 -0.24
N ASP B 293 0.14 -14.28 0.54
CA ASP B 293 0.07 -15.75 0.74
C ASP B 293 0.28 -16.53 -0.55
N TRP B 294 1.17 -16.00 -1.39
CA TRP B 294 1.47 -16.57 -2.69
C TRP B 294 2.81 -17.30 -2.59
N THR B 295 2.86 -18.23 -1.65
CA THR B 295 4.10 -18.79 -1.12
C THR B 295 4.38 -20.24 -1.53
N LYS B 296 5.63 -20.68 -1.33
CA LYS B 296 6.00 -22.10 -1.40
C LYS B 296 5.10 -22.94 -0.46
N SER B 297 4.75 -22.41 0.70
CA SER B 297 3.87 -23.10 1.64
C SER B 297 2.46 -23.21 1.08
N ALA B 298 2.05 -22.19 0.34
CA ALA B 298 0.74 -22.19 -0.28
C ALA B 298 0.66 -23.14 -1.49
N GLU B 299 1.76 -23.24 -2.23
CA GLU B 299 1.87 -24.18 -3.36
C GLU B 299 1.75 -25.60 -2.86
N ASP B 300 2.49 -25.91 -1.79
CA ASP B 300 2.47 -27.19 -1.07
C ASP B 300 1.09 -27.53 -0.54
N PHE B 301 0.47 -26.57 0.15
CA PHE B 301 -0.89 -26.72 0.69
C PHE B 301 -1.85 -27.07 -0.41
N ALA B 302 -1.76 -26.34 -1.52
CA ALA B 302 -2.55 -26.63 -2.71
C ALA B 302 -2.35 -28.08 -3.12
N ARG B 303 -1.08 -28.50 -3.20
CA ARG B 303 -0.67 -29.87 -3.59
C ARG B 303 -1.26 -31.01 -2.75
N MET B 304 -1.26 -30.86 -1.42
CA MET B 304 -1.87 -31.86 -0.53
C MET B 304 -3.40 -31.75 -0.51
N ASN B 305 -3.94 -30.66 -1.04
CA ASN B 305 -5.34 -30.36 -0.86
C ASN B 305 -6.17 -30.68 -2.08
N GLY B 306 -5.56 -31.36 -3.03
CA GLY B 306 -6.21 -31.67 -4.28
C GLY B 306 -6.12 -30.61 -5.37
N GLU B 307 -6.02 -29.33 -5.00
CA GLU B 307 -5.84 -28.28 -6.00
C GLU B 307 -4.39 -28.25 -6.52
N LYS B 308 -4.07 -27.25 -7.34
CA LYS B 308 -2.74 -27.08 -7.92
C LYS B 308 -2.56 -25.64 -8.37
N VAL B 309 -1.75 -24.89 -7.62
CA VAL B 309 -1.48 -23.50 -7.89
C VAL B 309 0.03 -23.34 -8.11
N HIS B 310 0.43 -22.44 -9.00
CA HIS B 310 1.85 -22.13 -9.19
C HIS B 310 2.19 -20.67 -8.85
N TYR B 311 3.17 -20.48 -8.00
CA TYR B 311 3.57 -19.13 -7.61
C TYR B 311 5.03 -18.87 -7.90
N GLN B 312 5.49 -19.30 -9.08
CA GLN B 312 6.90 -19.20 -9.50
C GLN B 312 7.20 -17.88 -10.21
N TRP B 313 6.13 -17.25 -10.67
CA TRP B 313 6.22 -15.99 -11.38
C TRP B 313 4.89 -15.34 -11.16
N CYS B 314 4.75 -14.66 -10.02
CA CYS B 314 3.49 -14.08 -9.62
C CYS B 314 3.23 -12.73 -10.28
N ILE B 315 2.04 -12.58 -10.85
CA ILE B 315 1.60 -11.31 -11.43
C ILE B 315 0.18 -11.00 -10.94
N GLU B 316 0.03 -10.11 -9.98
CA GLU B 316 -1.26 -9.87 -9.39
C GLU B 316 -2.14 -9.08 -10.35
N ASP B 317 -3.42 -9.48 -10.46
CA ASP B 317 -4.35 -8.76 -11.36
C ASP B 317 -4.97 -7.58 -10.59
N PRO B 318 -5.07 -6.39 -11.24
CA PRO B 318 -5.51 -5.17 -10.53
C PRO B 318 -6.97 -5.21 -10.02
N TYR B 319 -7.77 -6.13 -10.58
CA TYR B 319 -9.23 -6.16 -10.34
C TYR B 319 -9.81 -7.52 -9.92
N GLU B 320 -9.25 -8.60 -10.43
CA GLU B 320 -9.66 -9.96 -10.04
C GLU B 320 -9.05 -10.40 -8.71
N LEU B 321 -9.84 -10.58 -7.66
CA LEU B 321 -9.23 -11.02 -6.41
C LEU B 321 -8.71 -12.43 -6.56
N ASN B 322 -7.43 -12.59 -6.27
CA ASN B 322 -6.77 -13.88 -6.17
C ASN B 322 -6.37 -14.46 -7.53
N LEU B 323 -6.71 -13.78 -8.62
CA LEU B 323 -6.19 -14.16 -9.96
C LEU B 323 -4.69 -13.84 -10.12
N ASN B 324 -3.90 -14.89 -10.29
CA ASN B 324 -2.49 -14.75 -10.59
C ASN B 324 -2.30 -14.84 -12.09
N VAL B 325 -1.96 -13.71 -12.72
CA VAL B 325 -1.86 -13.66 -14.18
C VAL B 325 -0.70 -14.56 -14.71
N GLY B 326 0.19 -15.01 -13.81
CA GLY B 326 1.25 -15.98 -14.16
C GLY B 326 1.06 -17.34 -13.49
N ARG B 327 -0.19 -17.81 -13.49
CA ARG B 327 -0.59 -19.09 -12.84
C ARG B 327 -0.09 -20.37 -13.56
N ASN B 328 0.09 -20.27 -14.88
CA ASN B 328 0.58 -21.36 -15.74
C ASN B 328 2.11 -21.32 -15.97
N VAL B 329 2.82 -20.58 -15.12
CA VAL B 329 4.26 -20.55 -15.16
C VAL B 329 4.71 -21.54 -14.10
N THR B 330 4.96 -22.76 -14.57
CA THR B 330 5.31 -23.91 -13.77
C THR B 330 6.79 -23.80 -13.45
N PRO B 331 7.29 -24.58 -12.47
CA PRO B 331 8.73 -24.63 -12.18
C PRO B 331 9.64 -24.63 -13.44
N LEU B 332 9.24 -25.40 -14.44
CA LEU B 332 10.01 -25.59 -15.67
C LEU B 332 9.70 -24.55 -16.74
N LYS B 333 8.61 -23.80 -16.58
CA LYS B 333 8.31 -22.74 -17.53
C LYS B 333 8.99 -21.43 -17.14
N ARG B 334 9.26 -21.28 -15.85
CA ARG B 334 10.01 -20.14 -15.32
C ARG B 334 11.46 -20.22 -15.77
N ASP B 335 11.94 -21.46 -15.95
CA ASP B 335 13.28 -21.69 -16.48
C ASP B 335 13.34 -21.36 -17.97
N PHE B 336 12.32 -21.80 -18.71
CA PHE B 336 12.10 -21.41 -20.10
C PHE B 336 12.09 -19.89 -20.22
N LEU B 337 11.26 -19.25 -19.40
CA LEU B 337 11.19 -17.80 -19.27
C LEU B 337 12.53 -17.13 -18.99
N ARG B 338 13.30 -17.68 -18.05
CA ARG B 338 14.61 -17.10 -17.73
C ARG B 338 15.59 -17.28 -18.88
N ARG B 339 15.74 -18.52 -19.37
CA ARG B 339 16.64 -18.83 -20.48
C ARG B 339 16.45 -17.83 -21.62
N HIS B 340 15.20 -17.49 -21.91
CA HIS B 340 14.85 -16.53 -22.99
C HIS B 340 15.15 -15.07 -22.70
N LEU B 341 14.97 -14.66 -21.45
CA LEU B 341 15.30 -13.30 -21.01
C LEU B 341 16.79 -13.01 -21.24
N GLU B 342 17.63 -13.97 -20.84
CA GLU B 342 19.08 -13.96 -21.10
C GLU B 342 19.37 -13.84 -22.58
N LYS B 343 18.87 -14.82 -23.34
CA LYS B 343 18.99 -14.88 -24.79
C LYS B 343 18.74 -13.54 -25.48
N ALA B 344 17.60 -12.94 -25.16
CA ALA B 344 17.11 -11.67 -25.75
C ALA B 344 18.00 -10.43 -25.59
N ARG B 345 19.00 -10.49 -24.70
CA ARG B 345 20.00 -9.42 -24.50
C ARG B 345 21.00 -9.34 -25.63
N ASP B 346 21.33 -10.50 -26.19
CA ASP B 346 22.31 -10.63 -27.27
C ASP B 346 21.68 -10.47 -28.66
N THR B 347 20.52 -11.10 -28.85
CA THR B 347 19.75 -11.08 -30.09
C THR B 347 18.77 -9.89 -30.20
N ALA B 348 18.93 -8.88 -29.35
CA ALA B 348 17.99 -7.75 -29.26
C ALA B 348 16.53 -8.14 -29.55
N LEU B 349 15.96 -8.99 -28.69
CA LEU B 349 14.61 -9.60 -28.84
C LEU B 349 14.40 -10.40 -30.14
N LEU B 350 15.40 -11.21 -30.50
CA LEU B 350 15.44 -11.98 -31.76
C LEU B 350 15.37 -11.11 -33.05
N THR B 351 15.77 -9.85 -32.94
CA THR B 351 15.81 -8.95 -34.10
C THR B 351 17.21 -8.90 -34.73
N ILE B 352 18.22 -9.35 -33.96
CA ILE B 352 19.61 -9.43 -34.43
C ILE B 352 20.09 -10.87 -34.54
N VAL B 353 20.60 -11.21 -35.72
CA VAL B 353 21.43 -12.40 -35.96
C VAL B 353 22.05 -12.25 -37.36
#